data_5SZD
#
_entry.id   5SZD
#
_cell.length_a   63.460
_cell.length_b   66.060
_cell.length_c   66.100
_cell.angle_alpha   60.05
_cell.angle_beta   83.94
_cell.angle_gamma   77.17
#
_symmetry.space_group_name_H-M   'P 1'
#
loop_
_entity.id
_entity.type
_entity.pdbx_description
1 polymer 'RNA-binding protein Hfq'
2 non-polymer (4R)-2-METHYLPENTANE-2,4-DIOL
3 non-polymer (4S)-2-METHYL-2,4-PENTANEDIOL
4 non-polymer GUANIDINE
5 non-polymer 'CHLORIDE ION'
6 non-polymer DI(HYDROXYETHYL)ETHER
7 water water
#
_entity_poly.entity_id   1
_entity_poly.type   'polypeptide(L)'
_entity_poly.pdbx_seq_one_letter_code
;GSHMPYKLQESFLNTARKKRVKVSVYLVNGVRLQGRIRSFDLFTILLEDGKQQTLVYKHAITTIVPHERLEIEFEEAGVP
GQG
;
_entity_poly.pdbx_strand_id   A,B,C,D,E,F,G,H,I,J,K,L
#
loop_
_chem_comp.id
_chem_comp.type
_chem_comp.name
_chem_comp.formula
CL non-polymer 'CHLORIDE ION' 'Cl -1'
GAI non-polymer GUANIDINE 'C H5 N3'
MPD non-polymer (4S)-2-METHYL-2,4-PENTANEDIOL 'C6 H14 O2'
MRD non-polymer (4R)-2-METHYLPENTANE-2,4-DIOL 'C6 H14 O2'
PEG non-polymer DI(HYDROXYETHYL)ETHER 'C4 H10 O3'
#
# COMPACT_ATOMS: atom_id res chain seq x y z
N GLY A 1 -18.60 -31.75 22.77
CA GLY A 1 -18.06 -30.41 22.89
C GLY A 1 -19.01 -29.35 22.39
N SER A 2 -18.65 -28.09 22.59
CA SER A 2 -19.46 -26.99 22.11
C SER A 2 -18.53 -25.85 21.73
N HIS A 3 -18.84 -25.20 20.61
N HIS A 3 -18.88 -25.14 20.66
CA HIS A 3 -18.13 -24.00 20.23
CA HIS A 3 -18.09 -24.02 20.17
C HIS A 3 -19.12 -22.89 19.92
C HIS A 3 -19.02 -22.88 19.79
N MET A 4 -18.79 -21.70 20.39
CA MET A 4 -19.61 -20.53 20.17
C MET A 4 -18.85 -19.59 19.26
N PRO A 5 -19.38 -19.30 18.07
CA PRO A 5 -18.57 -18.63 17.03
C PRO A 5 -18.26 -17.17 17.33
N TYR A 6 -18.98 -16.54 18.25
CA TYR A 6 -18.74 -15.13 18.56
C TYR A 6 -18.34 -14.90 20.02
N LYS A 7 -18.13 -15.96 20.80
CA LYS A 7 -17.96 -15.79 22.24
C LYS A 7 -16.74 -14.94 22.58
N LEU A 8 -15.62 -15.16 21.89
CA LEU A 8 -14.44 -14.36 22.21
C LEU A 8 -14.64 -12.92 21.76
N GLN A 9 -15.06 -12.72 20.52
CA GLN A 9 -15.24 -11.36 20.01
C GLN A 9 -16.24 -10.58 20.83
N GLU A 10 -17.38 -11.21 21.16
CA GLU A 10 -18.41 -10.49 21.91
C GLU A 10 -17.95 -10.18 23.33
N SER A 11 -17.29 -11.14 23.98
N SER A 11 -17.29 -11.13 23.99
N SER A 11 -17.29 -11.14 23.98
CA SER A 11 -16.85 -10.91 25.35
CA SER A 11 -16.85 -10.89 25.36
CA SER A 11 -16.84 -10.91 25.35
C SER A 11 -15.78 -9.81 25.39
C SER A 11 -15.76 -9.83 25.42
C SER A 11 -15.78 -9.81 25.39
N PHE A 12 -14.87 -9.81 24.42
CA PHE A 12 -13.84 -8.78 24.38
C PHE A 12 -14.46 -7.40 24.19
N LEU A 13 -15.29 -7.24 23.16
CA LEU A 13 -15.92 -5.94 22.90
C LEU A 13 -16.82 -5.52 24.04
N ASN A 14 -17.60 -6.45 24.59
CA ASN A 14 -18.55 -6.07 25.62
C ASN A 14 -17.86 -5.72 26.93
N THR A 15 -16.76 -6.40 27.25
CA THR A 15 -16.04 -6.07 28.47
C THR A 15 -15.39 -4.69 28.34
N ALA A 16 -14.78 -4.40 27.19
CA ALA A 16 -14.21 -3.07 26.97
C ALA A 16 -15.29 -2.01 27.03
N ARG A 17 -16.46 -2.30 26.47
CA ARG A 17 -17.58 -1.36 26.51
C ARG A 17 -18.02 -1.11 27.95
N LYS A 18 -18.30 -2.18 28.71
CA LYS A 18 -18.87 -2.00 30.04
C LYS A 18 -17.87 -1.38 31.00
N LYS A 19 -16.60 -1.75 30.89
CA LYS A 19 -15.57 -1.18 31.75
C LYS A 19 -15.07 0.17 31.26
N ARG A 20 -15.55 0.63 30.10
CA ARG A 20 -15.19 1.94 29.56
C ARG A 20 -13.68 2.08 29.40
N VAL A 21 -13.05 1.01 28.92
CA VAL A 21 -11.60 0.96 28.76
C VAL A 21 -11.23 1.60 27.41
N LYS A 22 -10.25 2.50 27.44
CA LYS A 22 -9.74 3.05 26.18
C LYS A 22 -9.09 1.94 25.37
N VAL A 23 -9.30 1.99 24.05
CA VAL A 23 -8.72 1.00 23.15
C VAL A 23 -8.03 1.71 21.99
N SER A 24 -7.03 1.03 21.44
CA SER A 24 -6.48 1.39 20.13
C SER A 24 -7.06 0.42 19.11
N VAL A 25 -7.61 0.98 18.03
CA VAL A 25 -8.18 0.17 16.95
C VAL A 25 -7.31 0.39 15.73
N TYR A 26 -6.55 -0.63 15.35
CA TYR A 26 -5.61 -0.53 14.23
C TYR A 26 -6.31 -0.96 12.96
N LEU A 27 -6.11 -0.19 11.88
CA LEU A 27 -6.80 -0.44 10.63
C LEU A 27 -5.84 -1.06 9.63
N VAL A 28 -6.43 -1.64 8.57
CA VAL A 28 -5.64 -2.35 7.56
C VAL A 28 -4.61 -1.43 6.92
N ASN A 29 -4.88 -0.13 6.84
CA ASN A 29 -3.95 0.80 6.20
C ASN A 29 -2.96 1.43 7.17
N GLY A 30 -2.91 0.95 8.42
CA GLY A 30 -1.96 1.46 9.39
C GLY A 30 -2.46 2.58 10.26
N VAL A 31 -3.63 3.15 9.95
CA VAL A 31 -4.21 4.17 10.82
C VAL A 31 -4.57 3.55 12.16
N ARG A 32 -4.30 4.30 13.25
CA ARG A 32 -4.65 3.86 14.59
C ARG A 32 -5.73 4.79 15.14
N LEU A 33 -6.92 4.27 15.36
CA LEU A 33 -7.98 5.01 16.03
C LEU A 33 -7.85 4.80 17.54
N GLN A 34 -8.35 5.76 18.31
CA GLN A 34 -8.33 5.66 19.75
C GLN A 34 -9.67 6.14 20.30
N GLY A 35 -10.17 5.45 21.32
CA GLY A 35 -11.38 5.89 21.97
C GLY A 35 -11.94 4.79 22.85
N ARG A 36 -13.20 4.99 23.25
CA ARG A 36 -13.93 3.99 23.99
C ARG A 36 -15.04 3.41 23.13
N ILE A 37 -15.29 2.11 23.30
CA ILE A 37 -16.37 1.45 22.58
C ILE A 37 -17.70 1.79 23.26
N ARG A 38 -18.54 2.53 22.53
CA ARG A 38 -19.87 2.89 23.03
C ARG A 38 -20.90 1.83 22.69
N SER A 39 -20.79 1.21 21.51
N SER A 39 -20.78 1.22 21.51
CA SER A 39 -21.68 0.15 21.11
CA SER A 39 -21.71 0.20 21.07
C SER A 39 -21.06 -0.58 19.94
C SER A 39 -21.03 -0.60 19.95
N PHE A 40 -21.66 -1.71 19.60
CA PHE A 40 -21.20 -2.52 18.47
C PHE A 40 -22.33 -3.41 18.01
N ASP A 41 -22.23 -3.87 16.76
CA ASP A 41 -23.15 -4.88 16.25
C ASP A 41 -22.34 -5.86 15.42
N LEU A 42 -22.99 -6.60 14.52
CA LEU A 42 -22.28 -7.68 13.84
C LEU A 42 -21.10 -7.16 13.01
N PHE A 43 -21.28 -6.04 12.32
CA PHE A 43 -20.28 -5.56 11.38
C PHE A 43 -19.61 -4.23 11.74
N THR A 44 -20.07 -3.53 12.78
CA THR A 44 -19.54 -2.20 13.07
C THR A 44 -19.31 -2.01 14.56
N ILE A 45 -18.45 -1.04 14.88
CA ILE A 45 -18.16 -0.61 16.25
C ILE A 45 -18.29 0.91 16.29
N LEU A 46 -18.94 1.42 17.33
CA LEU A 46 -19.05 2.87 17.53
C LEU A 46 -18.00 3.28 18.56
N LEU A 47 -17.04 4.09 18.15
N LEU A 47 -17.00 4.01 18.11
CA LEU A 47 -15.93 4.51 19.00
CA LEU A 47 -15.98 4.56 18.98
C LEU A 47 -16.06 6.00 19.30
C LEU A 47 -16.38 5.97 19.38
N GLU A 48 -15.99 6.35 20.58
CA GLU A 48 -16.14 7.73 21.04
C GLU A 48 -14.81 8.22 21.57
N ASP A 49 -14.42 9.44 21.18
CA ASP A 49 -13.21 10.07 21.68
C ASP A 49 -13.54 11.54 21.91
N GLY A 50 -13.66 11.92 23.18
CA GLY A 50 -14.16 13.25 23.48
C GLY A 50 -15.58 13.39 22.96
N LYS A 51 -15.80 14.43 22.16
CA LYS A 51 -17.12 14.70 21.60
C LYS A 51 -17.33 14.05 20.24
N GLN A 52 -16.35 13.30 19.75
N GLN A 52 -16.36 13.30 19.73
CA GLN A 52 -16.37 12.76 18.39
CA GLN A 52 -16.42 12.80 18.37
C GLN A 52 -16.86 11.31 18.40
C GLN A 52 -16.81 11.32 18.35
N GLN A 53 -17.80 11.01 17.52
CA GLN A 53 -18.20 9.63 17.24
C GLN A 53 -17.56 9.20 15.94
N THR A 54 -17.15 7.93 15.88
CA THR A 54 -16.66 7.31 14.66
C THR A 54 -17.31 5.94 14.54
N LEU A 55 -17.98 5.68 13.41
CA LEU A 55 -18.46 4.34 13.12
C LEU A 55 -17.36 3.62 12.36
N VAL A 56 -16.88 2.50 12.91
CA VAL A 56 -15.79 1.72 12.32
C VAL A 56 -16.37 0.43 11.78
N TYR A 57 -16.04 0.12 10.52
CA TYR A 57 -16.38 -1.18 9.95
C TYR A 57 -15.34 -2.21 10.39
N LYS A 58 -15.82 -3.31 10.96
CA LYS A 58 -14.91 -4.34 11.46
C LYS A 58 -14.02 -4.89 10.36
N HIS A 59 -14.54 -4.96 9.12
CA HIS A 59 -13.76 -5.49 8.01
C HIS A 59 -12.48 -4.70 7.77
N ALA A 60 -12.41 -3.46 8.26
CA ALA A 60 -11.22 -2.62 8.12
C ALA A 60 -10.26 -2.74 9.30
N ILE A 61 -10.64 -3.44 10.36
CA ILE A 61 -9.81 -3.52 11.57
C ILE A 61 -8.84 -4.69 11.43
N THR A 62 -7.60 -4.48 11.85
CA THR A 62 -6.68 -5.61 12.02
C THR A 62 -6.68 -6.10 13.45
N THR A 63 -6.50 -5.19 14.41
CA THR A 63 -6.37 -5.57 15.81
C THR A 63 -6.99 -4.50 16.70
N ILE A 64 -7.42 -4.94 17.88
CA ILE A 64 -7.86 -4.03 18.93
C ILE A 64 -7.00 -4.30 20.16
N VAL A 65 -6.41 -3.25 20.71
CA VAL A 65 -5.51 -3.36 21.86
C VAL A 65 -6.07 -2.50 22.99
N PRO A 66 -6.47 -3.11 24.10
CA PRO A 66 -7.00 -2.33 25.22
C PRO A 66 -5.88 -1.69 26.00
N HIS A 67 -6.16 -0.48 26.50
CA HIS A 67 -5.15 0.26 27.27
C HIS A 67 -5.11 -0.18 28.73
N GLU A 68 -6.06 -1.01 29.16
CA GLU A 68 -6.04 -1.68 30.44
C GLU A 68 -6.35 -3.16 30.21
N ARG A 69 -5.92 -4.01 31.13
CA ARG A 69 -6.21 -5.43 31.00
C ARG A 69 -7.71 -5.68 31.15
N LEU A 70 -8.25 -6.51 30.25
CA LEU A 70 -9.64 -6.93 30.28
C LEU A 70 -9.73 -8.30 30.93
N GLU A 71 -10.58 -8.41 31.95
CA GLU A 71 -10.86 -9.69 32.60
C GLU A 71 -11.95 -10.38 31.78
N ILE A 72 -11.55 -11.31 30.93
CA ILE A 72 -12.48 -11.97 30.02
C ILE A 72 -12.81 -13.37 30.50
N HIS B 3 -30.07 -10.99 17.49
CA HIS B 3 -31.34 -10.71 16.85
C HIS B 3 -31.32 -9.38 16.12
N MET B 4 -30.31 -8.55 16.39
CA MET B 4 -30.21 -7.20 15.83
C MET B 4 -28.81 -6.95 15.28
N PRO B 5 -28.42 -7.69 14.24
CA PRO B 5 -27.04 -7.60 13.75
C PRO B 5 -26.70 -6.27 13.11
N TYR B 6 -27.70 -5.46 12.75
CA TYR B 6 -27.48 -4.19 12.09
C TYR B 6 -27.99 -3.01 12.90
N LYS B 7 -28.34 -3.23 14.17
CA LYS B 7 -29.00 -2.17 14.95
C LYS B 7 -28.16 -0.90 14.98
N LEU B 8 -26.87 -1.01 15.31
CA LEU B 8 -26.02 0.17 15.36
C LEU B 8 -25.79 0.75 13.98
N GLN B 9 -25.39 -0.09 13.01
CA GLN B 9 -25.08 0.43 11.69
C GLN B 9 -26.29 1.13 11.08
N GLU B 10 -27.48 0.50 11.15
CA GLU B 10 -28.66 1.12 10.59
C GLU B 10 -29.04 2.41 11.31
N SER B 11 -28.97 2.41 12.65
CA SER B 11 -29.34 3.61 13.39
C SER B 11 -28.40 4.76 13.04
N PHE B 12 -27.10 4.47 12.96
CA PHE B 12 -26.11 5.50 12.62
C PHE B 12 -26.39 6.07 11.24
N LEU B 13 -26.47 5.20 10.23
CA LEU B 13 -26.68 5.67 8.86
C LEU B 13 -28.01 6.37 8.72
N ASN B 14 -29.07 5.83 9.31
CA ASN B 14 -30.40 6.42 9.13
C ASN B 14 -30.50 7.77 9.84
N THR B 15 -29.87 7.91 11.01
CA THR B 15 -29.91 9.19 11.70
C THR B 15 -29.15 10.25 10.91
N ALA B 16 -27.96 9.90 10.40
CA ALA B 16 -27.23 10.84 9.57
C ALA B 16 -28.04 11.22 8.33
N ARG B 17 -28.71 10.24 7.73
CA ARG B 17 -29.53 10.51 6.55
C ARG B 17 -30.68 11.45 6.88
N LYS B 18 -31.46 11.12 7.92
N LYS B 18 -31.48 11.12 7.89
CA LYS B 18 -32.64 11.92 8.24
CA LYS B 18 -32.70 11.87 8.15
C LYS B 18 -32.27 13.33 8.68
C LYS B 18 -32.43 13.23 8.79
N LYS B 19 -31.21 13.44 9.49
N LYS B 19 -31.26 13.42 9.40
CA LYS B 19 -30.78 14.76 9.95
CA LYS B 19 -30.88 14.74 9.89
C LYS B 19 -29.98 15.53 8.92
C LYS B 19 -30.06 15.53 8.89
N ARG B 20 -29.69 14.92 7.75
CA ARG B 20 -28.94 15.60 6.70
C ARG B 20 -27.60 16.14 7.21
N VAL B 21 -26.91 15.33 8.01
CA VAL B 21 -25.64 15.72 8.61
C VAL B 21 -24.51 15.41 7.63
N LYS B 22 -23.60 16.35 7.44
CA LYS B 22 -22.43 16.09 6.63
C LYS B 22 -21.55 15.05 7.31
N VAL B 23 -20.99 14.15 6.50
CA VAL B 23 -20.10 13.12 7.01
C VAL B 23 -18.82 13.09 6.20
N SER B 24 -17.75 12.63 6.85
CA SER B 24 -16.54 12.18 6.16
C SER B 24 -16.56 10.65 6.10
N VAL B 25 -16.35 10.11 4.91
CA VAL B 25 -16.28 8.67 4.71
C VAL B 25 -14.85 8.34 4.31
N TYR B 26 -14.12 7.67 5.20
CA TYR B 26 -12.73 7.33 4.94
C TYR B 26 -12.65 5.95 4.32
N LEU B 27 -11.83 5.82 3.27
CA LEU B 27 -11.71 4.58 2.54
C LEU B 27 -10.42 3.84 2.91
N VAL B 28 -10.38 2.56 2.56
N VAL B 28 -10.38 2.56 2.54
CA VAL B 28 -9.24 1.72 2.91
CA VAL B 28 -9.26 1.68 2.87
C VAL B 28 -7.92 2.25 2.36
C VAL B 28 -7.94 2.26 2.36
N ASN B 29 -7.96 2.98 1.24
CA ASN B 29 -6.76 3.50 0.62
C ASN B 29 -6.41 4.92 1.09
N GLY B 30 -7.09 5.43 2.12
CA GLY B 30 -6.79 6.75 2.65
C GLY B 30 -7.59 7.88 2.04
N VAL B 31 -8.33 7.63 0.97
CA VAL B 31 -9.16 8.68 0.39
C VAL B 31 -10.29 9.02 1.36
N ARG B 32 -10.60 10.32 1.48
CA ARG B 32 -11.66 10.82 2.34
C ARG B 32 -12.75 11.44 1.46
N LEU B 33 -13.91 10.80 1.41
CA LEU B 33 -15.08 11.38 0.75
C LEU B 33 -15.84 12.26 1.74
N GLN B 34 -16.57 13.22 1.20
CA GLN B 34 -17.39 14.10 2.04
C GLN B 34 -18.73 14.33 1.36
N GLY B 35 -19.78 14.36 2.17
CA GLY B 35 -21.10 14.66 1.66
C GLY B 35 -22.16 14.28 2.68
N ARG B 36 -23.39 14.24 2.21
CA ARG B 36 -24.52 13.78 3.00
C ARG B 36 -25.01 12.44 2.49
N ILE B 37 -25.44 11.58 3.41
CA ILE B 37 -26.00 10.28 3.06
C ILE B 37 -27.41 10.50 2.55
N ARG B 38 -27.61 10.24 1.25
CA ARG B 38 -28.94 10.32 0.65
C ARG B 38 -29.70 9.01 0.81
N SER B 39 -29.01 7.88 0.70
CA SER B 39 -29.63 6.58 0.87
C SER B 39 -28.53 5.57 1.17
N PHE B 40 -28.95 4.35 1.49
CA PHE B 40 -28.03 3.26 1.77
C PHE B 40 -28.82 1.97 1.68
N ASP B 41 -28.12 0.88 1.37
CA ASP B 41 -28.70 -0.46 1.41
C ASP B 41 -27.67 -1.38 2.07
N LEU B 42 -27.84 -2.69 1.88
CA LEU B 42 -27.00 -3.62 2.64
C LEU B 42 -25.51 -3.40 2.35
N PHE B 43 -25.15 -3.17 1.09
CA PHE B 43 -23.74 -3.11 0.73
C PHE B 43 -23.24 -1.75 0.25
N THR B 44 -24.11 -0.77 0.07
CA THR B 44 -23.69 0.50 -0.52
C THR B 44 -24.30 1.68 0.23
N ILE B 45 -23.68 2.84 0.04
CA ILE B 45 -24.16 4.12 0.57
C ILE B 45 -24.12 5.11 -0.58
N LEU B 46 -25.19 5.88 -0.74
CA LEU B 46 -25.26 6.94 -1.75
C LEU B 46 -24.94 8.26 -1.07
N LEU B 47 -23.81 8.86 -1.42
CA LEU B 47 -23.40 10.16 -0.92
C LEU B 47 -23.71 11.25 -1.93
N GLU B 48 -24.16 12.40 -1.45
CA GLU B 48 -24.34 13.59 -2.26
C GLU B 48 -23.45 14.71 -1.73
N ASP B 49 -22.68 15.31 -2.62
CA ASP B 49 -21.85 16.47 -2.33
C ASP B 49 -22.30 17.50 -3.35
N GLY B 50 -23.20 18.40 -2.94
CA GLY B 50 -23.81 19.33 -3.86
C GLY B 50 -24.51 18.63 -5.02
N LYS B 51 -23.98 18.82 -6.22
CA LYS B 51 -24.57 18.24 -7.42
C LYS B 51 -24.12 16.80 -7.67
N GLN B 52 -23.00 16.39 -7.09
N GLN B 52 -23.01 16.38 -7.10
CA GLN B 52 -22.37 15.12 -7.40
CA GLN B 52 -22.40 15.11 -7.49
C GLN B 52 -22.98 14.00 -6.57
C GLN B 52 -22.88 13.98 -6.59
N GLN B 53 -23.33 12.89 -7.22
CA GLN B 53 -23.67 11.65 -6.54
C GLN B 53 -22.47 10.73 -6.58
N THR B 54 -22.25 9.98 -5.49
CA THR B 54 -21.23 8.94 -5.44
C THR B 54 -21.83 7.72 -4.78
N LEU B 55 -21.76 6.57 -5.44
CA LEU B 55 -22.15 5.31 -4.81
C LEU B 55 -20.90 4.72 -4.19
N VAL B 56 -20.93 4.48 -2.88
CA VAL B 56 -19.78 3.97 -2.14
C VAL B 56 -20.08 2.54 -1.71
N TYR B 57 -19.14 1.63 -1.98
CA TYR B 57 -19.24 0.27 -1.45
C TYR B 57 -18.75 0.24 0.00
N LYS B 58 -19.59 -0.28 0.89
CA LYS B 58 -19.23 -0.34 2.29
C LYS B 58 -17.94 -1.13 2.51
N HIS B 59 -17.69 -2.16 1.68
CA HIS B 59 -16.48 -2.98 1.86
C HIS B 59 -15.21 -2.16 1.71
N ALA B 60 -15.29 -0.96 1.12
CA ALA B 60 -14.15 -0.08 0.93
C ALA B 60 -14.02 0.96 2.03
N ILE B 61 -14.98 1.05 2.93
CA ILE B 61 -15.01 2.07 3.97
C ILE B 61 -14.28 1.55 5.19
N THR B 62 -13.48 2.41 5.82
CA THR B 62 -12.94 2.10 7.14
C THR B 62 -13.80 2.73 8.22
N THR B 63 -14.08 4.02 8.12
CA THR B 63 -14.81 4.75 9.15
C THR B 63 -15.71 5.81 8.54
N ILE B 64 -16.77 6.14 9.27
CA ILE B 64 -17.63 7.27 8.95
C ILE B 64 -17.63 8.19 10.14
N VAL B 65 -17.32 9.47 9.91
CA VAL B 65 -17.21 10.46 10.97
C VAL B 65 -18.21 11.58 10.70
N PRO B 66 -19.24 11.74 11.51
CA PRO B 66 -20.19 12.83 11.29
C PRO B 66 -19.61 14.17 11.72
N HIS B 67 -19.99 15.21 10.97
CA HIS B 67 -19.51 16.56 11.25
C HIS B 67 -20.33 17.26 12.33
N GLU B 68 -21.44 16.67 12.75
CA GLU B 68 -22.20 17.07 13.93
C GLU B 68 -22.51 15.83 14.72
N ARG B 69 -22.74 16.00 16.02
CA ARG B 69 -23.04 14.84 16.85
C ARG B 69 -24.38 14.23 16.45
N LEU B 70 -24.41 12.91 16.31
CA LEU B 70 -25.65 12.18 16.03
C LEU B 70 -26.25 11.72 17.35
N GLU B 71 -27.52 12.09 17.58
CA GLU B 71 -28.24 11.62 18.75
C GLU B 71 -28.76 10.23 18.42
N ILE B 72 -28.02 9.21 18.82
CA ILE B 72 -28.36 7.83 18.50
C ILE B 72 -28.80 7.06 19.74
N SER C 2 -36.85 8.60 -2.01
CA SER C 2 -35.48 9.07 -2.07
C SER C 2 -34.55 8.06 -1.40
N HIS C 3 -35.12 7.25 -0.52
CA HIS C 3 -34.37 6.26 0.25
C HIS C 3 -34.76 4.87 -0.22
N MET C 4 -33.75 4.06 -0.60
N MET C 4 -33.75 4.07 -0.58
CA MET C 4 -33.97 2.71 -1.12
CA MET C 4 -33.94 2.68 -0.97
C MET C 4 -33.13 1.71 -0.35
C MET C 4 -33.13 1.83 0.00
N PRO C 5 -33.55 1.36 0.88
N PRO C 5 -33.62 1.63 1.23
CA PRO C 5 -32.69 0.56 1.77
CA PRO C 5 -32.90 0.76 2.18
C PRO C 5 -32.55 -0.89 1.40
C PRO C 5 -32.69 -0.63 1.65
N TYR C 6 -33.16 -1.34 0.31
N TYR C 6 -33.46 -1.02 0.66
CA TYR C 6 -32.97 -2.71 -0.16
CA TYR C 6 -33.18 -2.17 -0.20
C TYR C 6 -32.47 -2.79 -1.59
C TYR C 6 -33.08 -1.66 -1.63
N LYS C 7 -32.83 -1.83 -2.44
N LYS C 7 -32.26 -2.33 -2.43
CA LYS C 7 -32.54 -1.91 -3.87
CA LYS C 7 -32.19 -2.15 -3.88
C LYS C 7 -31.69 -0.73 -4.36
C LYS C 7 -31.60 -0.83 -4.35
N LEU C 8 -30.98 -0.06 -3.47
CA LEU C 8 -30.22 1.13 -3.89
C LEU C 8 -29.17 0.77 -4.94
N GLN C 9 -28.32 -0.23 -4.64
CA GLN C 9 -27.26 -0.57 -5.57
C GLN C 9 -27.83 -0.98 -6.93
N GLU C 10 -28.83 -1.86 -6.91
CA GLU C 10 -29.45 -2.32 -8.16
C GLU C 10 -30.06 -1.16 -8.94
N SER C 11 -30.77 -0.26 -8.24
CA SER C 11 -31.40 0.85 -8.93
C SER C 11 -30.37 1.81 -9.51
N PHE C 12 -29.31 2.08 -8.76
CA PHE C 12 -28.24 2.96 -9.25
C PHE C 12 -27.61 2.37 -10.50
N LEU C 13 -27.18 1.11 -10.45
CA LEU C 13 -26.51 0.49 -11.58
C LEU C 13 -27.45 0.38 -12.77
N ASN C 14 -28.71 0.02 -12.53
CA ASN C 14 -29.64 -0.15 -13.65
C ASN C 14 -29.96 1.19 -14.30
N THR C 15 -30.06 2.25 -13.51
CA THR C 15 -30.32 3.57 -14.09
C THR C 15 -29.15 4.03 -14.94
N ALA C 16 -27.91 3.87 -14.43
CA ALA C 16 -26.76 4.24 -15.24
C ALA C 16 -26.69 3.40 -16.51
N ARG C 17 -27.05 2.12 -16.40
CA ARG C 17 -27.04 1.24 -17.58
C ARG C 17 -28.06 1.68 -18.62
N LYS C 18 -29.31 1.85 -18.21
N LYS C 18 -29.31 1.86 -18.22
CA LYS C 18 -30.37 2.16 -19.16
CA LYS C 18 -30.35 2.14 -19.20
C LYS C 18 -30.15 3.53 -19.80
C LYS C 18 -30.28 3.56 -19.76
N LYS C 19 -29.69 4.50 -19.01
CA LYS C 19 -29.48 5.84 -19.53
C LYS C 19 -28.14 5.98 -20.25
N ARG C 20 -27.32 4.94 -20.28
CA ARG C 20 -26.04 4.95 -20.98
C ARG C 20 -25.14 6.09 -20.52
N VAL C 21 -25.11 6.32 -19.21
CA VAL C 21 -24.34 7.41 -18.63
C VAL C 21 -22.90 6.96 -18.42
N LYS C 22 -21.94 7.80 -18.80
CA LYS C 22 -20.55 7.49 -18.51
C LYS C 22 -20.31 7.55 -17.02
N VAL C 23 -19.52 6.61 -16.52
CA VAL C 23 -19.18 6.56 -15.10
C VAL C 23 -17.67 6.44 -14.94
N SER C 24 -17.19 6.96 -13.81
CA SER C 24 -15.85 6.63 -13.32
C SER C 24 -16.01 5.58 -12.23
N VAL C 25 -15.23 4.51 -12.33
CA VAL C 25 -15.23 3.44 -11.36
C VAL C 25 -13.86 3.44 -10.69
N TYR C 26 -13.82 3.81 -9.41
CA TYR C 26 -12.57 3.91 -8.68
C TYR C 26 -12.31 2.59 -7.96
N LEU C 27 -11.08 2.10 -8.05
CA LEU C 27 -10.69 0.84 -7.45
C LEU C 27 -9.93 1.05 -6.15
N VAL C 28 -9.83 -0.03 -5.37
CA VAL C 28 -9.17 0.02 -4.06
C VAL C 28 -7.72 0.50 -4.18
N ASN C 29 -7.06 0.24 -5.30
CA ASN C 29 -5.65 0.61 -5.46
C ASN C 29 -5.46 1.97 -6.12
N GLY C 30 -6.52 2.75 -6.28
CA GLY C 30 -6.42 4.08 -6.83
C GLY C 30 -6.63 4.17 -8.33
N VAL C 31 -6.69 3.04 -9.02
CA VAL C 31 -6.94 3.07 -10.47
C VAL C 31 -8.36 3.56 -10.73
N ARG C 32 -8.53 4.40 -11.75
CA ARG C 32 -9.83 4.92 -12.14
C ARG C 32 -10.19 4.37 -13.52
N LEU C 33 -11.22 3.54 -13.57
CA LEU C 33 -11.75 3.08 -14.85
C LEU C 33 -12.84 4.05 -15.33
N GLN C 34 -13.03 4.08 -16.65
CA GLN C 34 -14.07 4.93 -17.23
C GLN C 34 -14.80 4.16 -18.33
N GLY C 35 -16.10 4.32 -18.39
CA GLY C 35 -16.88 3.73 -19.46
C GLY C 35 -18.35 3.78 -19.14
N ARG C 36 -19.12 2.99 -19.88
CA ARG C 36 -20.55 2.83 -19.64
C ARG C 36 -20.82 1.43 -19.14
N ILE C 37 -21.81 1.31 -18.25
CA ILE C 37 -22.20 0.01 -17.74
C ILE C 37 -23.06 -0.69 -18.79
N ARG C 38 -22.54 -1.77 -19.35
CA ARG C 38 -23.27 -2.56 -20.32
C ARG C 38 -24.16 -3.60 -19.66
N SER C 39 -23.68 -4.17 -18.54
CA SER C 39 -24.39 -5.21 -17.83
C SER C 39 -23.79 -5.31 -16.44
N PHE C 40 -24.49 -6.01 -15.55
CA PHE C 40 -23.97 -6.27 -14.22
C PHE C 40 -24.73 -7.45 -13.64
N ASP C 41 -24.11 -8.09 -12.65
CA ASP C 41 -24.79 -9.13 -11.87
C ASP C 41 -24.42 -8.90 -10.40
N LEU C 42 -24.57 -9.95 -9.58
CA LEU C 42 -24.39 -9.77 -8.14
C LEU C 42 -22.97 -9.29 -7.80
N PHE C 43 -21.96 -9.87 -8.45
CA PHE C 43 -20.57 -9.59 -8.06
C PHE C 43 -19.75 -8.86 -9.10
N THR C 44 -20.26 -8.63 -10.31
CA THR C 44 -19.44 -8.05 -11.37
C THR C 44 -20.22 -6.99 -12.13
N ILE C 45 -19.46 -6.12 -12.80
CA ILE C 45 -19.98 -5.09 -13.69
C ILE C 45 -19.21 -5.18 -15.00
N LEU C 46 -19.91 -5.08 -16.13
CA LEU C 46 -19.27 -5.05 -17.43
C LEU C 46 -19.21 -3.61 -17.91
N LEU C 47 -18.00 -3.06 -17.95
N LEU C 47 -18.00 -3.08 -18.06
CA LEU C 47 -17.78 -1.73 -18.47
CA LEU C 47 -17.77 -1.68 -18.41
C LEU C 47 -17.40 -1.80 -19.93
C LEU C 47 -17.20 -1.60 -19.82
N GLU C 48 -17.83 -0.81 -20.69
CA GLU C 48 -17.44 -0.65 -22.08
C GLU C 48 -16.89 0.76 -22.27
N ASP C 49 -15.73 0.86 -22.92
CA ASP C 49 -15.12 2.14 -23.24
C ASP C 49 -14.73 2.00 -24.71
N GLY C 50 -15.56 2.56 -25.59
CA GLY C 50 -15.36 2.36 -27.01
C GLY C 50 -15.49 0.88 -27.36
N LYS C 51 -14.41 0.31 -27.87
CA LYS C 51 -14.38 -1.08 -28.30
C LYS C 51 -13.87 -2.02 -27.21
N GLN C 52 -13.48 -1.49 -26.06
N GLN C 52 -13.47 -1.51 -26.05
CA GLN C 52 -12.88 -2.27 -24.98
CA GLN C 52 -12.85 -2.35 -25.04
C GLN C 52 -13.97 -2.70 -24.00
C GLN C 52 -13.86 -2.69 -23.95
N GLN C 53 -13.96 -3.99 -23.65
CA GLN C 53 -14.77 -4.50 -22.56
C GLN C 53 -13.86 -4.76 -21.38
N THR C 54 -14.36 -4.50 -20.17
CA THR C 54 -13.66 -4.81 -18.95
C THR C 54 -14.66 -5.41 -17.98
N LEU C 55 -14.37 -6.61 -17.48
CA LEU C 55 -15.17 -7.19 -16.40
C LEU C 55 -14.56 -6.72 -15.08
N VAL C 56 -15.35 -6.00 -14.28
CA VAL C 56 -14.90 -5.44 -13.01
C VAL C 56 -15.55 -6.20 -11.87
N TYR C 57 -14.72 -6.69 -10.93
CA TYR C 57 -15.25 -7.27 -9.70
C TYR C 57 -15.62 -6.18 -8.70
N LYS C 58 -16.86 -6.25 -8.21
CA LYS C 58 -17.34 -5.22 -7.29
C LYS C 58 -16.49 -5.16 -6.02
N HIS C 59 -15.96 -6.31 -5.56
CA HIS C 59 -15.16 -6.32 -4.34
C HIS C 59 -13.92 -5.43 -4.46
N ALA C 60 -13.52 -5.06 -5.69
CA ALA C 60 -12.37 -4.19 -5.90
C ALA C 60 -12.75 -2.73 -6.08
N ILE C 61 -14.05 -2.40 -6.15
CA ILE C 61 -14.51 -1.03 -6.36
C ILE C 61 -14.62 -0.31 -5.03
N THR C 62 -14.19 0.95 -5.01
CA THR C 62 -14.50 1.81 -3.87
C THR C 62 -15.75 2.64 -4.11
N THR C 63 -15.81 3.33 -5.25
CA THR C 63 -16.89 4.24 -5.56
C THR C 63 -17.19 4.24 -7.05
N ILE C 64 -18.43 4.58 -7.38
CA ILE C 64 -18.85 4.80 -8.77
C ILE C 64 -19.43 6.20 -8.84
N VAL C 65 -18.90 7.01 -9.77
CA VAL C 65 -19.28 8.41 -9.87
C VAL C 65 -19.82 8.62 -11.28
N PRO C 66 -21.12 8.89 -11.44
CA PRO C 66 -21.65 9.15 -12.78
C PRO C 66 -21.24 10.53 -13.28
N HIS C 67 -21.03 10.60 -14.59
CA HIS C 67 -20.61 11.86 -15.20
C HIS C 67 -21.79 12.78 -15.49
N GLU C 68 -23.02 12.30 -15.31
CA GLU C 68 -24.22 13.12 -15.35
C GLU C 68 -25.08 12.71 -14.16
N ARG C 69 -25.97 13.62 -13.74
CA ARG C 69 -26.86 13.33 -12.63
C ARG C 69 -27.81 12.19 -12.98
N LEU C 70 -27.90 11.20 -12.08
CA LEU C 70 -28.82 10.09 -12.26
C LEU C 70 -30.12 10.37 -11.52
N GLU C 71 -31.24 10.23 -12.22
CA GLU C 71 -32.55 10.24 -11.58
C GLU C 71 -32.87 8.78 -11.25
N ILE C 72 -32.44 8.34 -10.08
CA ILE C 72 -32.46 6.92 -9.73
C ILE C 72 -33.88 6.40 -9.63
N MET D 4 -30.40 -14.90 -10.68
CA MET D 4 -29.26 -15.20 -11.54
C MET D 4 -28.03 -14.38 -11.15
N PRO D 5 -27.46 -14.68 -9.98
CA PRO D 5 -26.38 -13.83 -9.46
C PRO D 5 -25.09 -13.90 -10.27
N TYR D 6 -24.92 -14.91 -11.14
CA TYR D 6 -23.68 -15.10 -11.86
C TYR D 6 -23.83 -14.98 -13.37
N LYS D 7 -24.97 -14.46 -13.86
CA LYS D 7 -25.26 -14.54 -15.28
C LYS D 7 -24.18 -13.87 -16.12
N LEU D 8 -23.76 -12.68 -15.73
CA LEU D 8 -22.73 -11.97 -16.47
C LEU D 8 -21.36 -12.61 -16.28
N GLN D 9 -20.99 -12.83 -15.01
CA GLN D 9 -19.66 -13.35 -14.73
C GLN D 9 -19.44 -14.70 -15.41
N GLU D 10 -20.42 -15.59 -15.30
CA GLU D 10 -20.27 -16.91 -15.90
C GLU D 10 -20.21 -16.83 -17.42
N SER D 11 -21.04 -15.97 -18.03
CA SER D 11 -21.02 -15.85 -19.47
C SER D 11 -19.70 -15.28 -19.97
N PHE D 12 -19.17 -14.28 -19.26
CA PHE D 12 -17.90 -13.67 -19.65
C PHE D 12 -16.78 -14.69 -19.57
N LEU D 13 -16.66 -15.37 -18.43
CA LEU D 13 -15.57 -16.34 -18.24
C LEU D 13 -15.71 -17.53 -19.19
N ASN D 14 -16.94 -18.02 -19.39
CA ASN D 14 -17.11 -19.18 -20.26
C ASN D 14 -16.83 -18.82 -21.72
N THR D 15 -17.21 -17.62 -22.15
CA THR D 15 -16.94 -17.22 -23.53
C THR D 15 -15.44 -17.07 -23.77
N ALA D 16 -14.74 -16.44 -22.83
CA ALA D 16 -13.29 -16.31 -22.96
C ALA D 16 -12.62 -17.67 -22.95
N ARG D 17 -13.10 -18.58 -22.10
CA ARG D 17 -12.55 -19.94 -22.06
C ARG D 17 -12.77 -20.66 -23.38
N LYS D 18 -14.02 -20.68 -23.87
CA LYS D 18 -14.34 -21.47 -25.06
C LYS D 18 -13.67 -20.92 -26.31
N LYS D 19 -13.57 -19.59 -26.42
CA LYS D 19 -12.93 -18.97 -27.56
C LYS D 19 -11.42 -18.89 -27.42
N ARG D 20 -10.86 -19.30 -26.28
CA ARG D 20 -9.42 -19.31 -26.07
C ARG D 20 -8.80 -17.93 -26.29
N VAL D 21 -9.50 -16.90 -25.81
CA VAL D 21 -9.03 -15.52 -25.96
C VAL D 21 -8.04 -15.22 -24.85
N LYS D 22 -6.92 -14.61 -25.22
CA LYS D 22 -5.98 -14.15 -24.20
C LYS D 22 -6.61 -13.03 -23.40
N VAL D 23 -6.36 -13.05 -22.09
CA VAL D 23 -6.87 -12.00 -21.20
C VAL D 23 -5.72 -11.44 -20.36
N SER D 24 -5.90 -10.20 -19.94
CA SER D 24 -5.11 -9.64 -18.85
C SER D 24 -5.97 -9.68 -17.60
N VAL D 25 -5.41 -10.23 -16.53
CA VAL D 25 -6.07 -10.31 -15.23
C VAL D 25 -5.30 -9.39 -14.29
N TYR D 26 -5.94 -8.27 -13.92
CA TYR D 26 -5.29 -7.29 -13.04
C TYR D 26 -5.63 -7.61 -11.59
N LEU D 27 -4.62 -7.53 -10.73
CA LEU D 27 -4.80 -7.85 -9.32
C LEU D 27 -4.86 -6.59 -8.47
N VAL D 28 -5.33 -6.78 -7.22
CA VAL D 28 -5.52 -5.65 -6.32
C VAL D 28 -4.22 -4.89 -6.07
N ASN D 29 -3.07 -5.58 -6.12
CA ASN D 29 -1.79 -4.95 -5.85
C ASN D 29 -1.11 -4.42 -7.11
N GLY D 30 -1.81 -4.39 -8.24
CA GLY D 30 -1.28 -3.84 -9.46
C GLY D 30 -0.57 -4.83 -10.37
N VAL D 31 -0.33 -6.06 -9.90
CA VAL D 31 0.25 -7.08 -10.77
C VAL D 31 -0.73 -7.41 -11.89
N ARG D 32 -0.20 -7.59 -13.11
CA ARG D 32 -1.01 -7.96 -14.27
C ARG D 32 -0.59 -9.35 -14.71
N LEU D 33 -1.50 -10.31 -14.59
CA LEU D 33 -1.28 -11.64 -15.15
C LEU D 33 -1.79 -11.66 -16.58
N GLN D 34 -1.22 -12.56 -17.39
CA GLN D 34 -1.65 -12.74 -18.76
C GLN D 34 -1.74 -14.22 -19.10
N GLY D 35 -2.78 -14.59 -19.83
CA GLY D 35 -2.88 -15.96 -20.29
C GLY D 35 -4.27 -16.25 -20.84
N ARG D 36 -4.58 -17.52 -20.95
CA ARG D 36 -5.90 -17.97 -21.35
C ARG D 36 -6.56 -18.68 -20.19
N ILE D 37 -7.88 -18.50 -20.07
CA ILE D 37 -8.67 -19.14 -19.04
C ILE D 37 -8.88 -20.59 -19.45
N ARG D 38 -8.27 -21.51 -18.69
CA ARG D 38 -8.43 -22.94 -18.94
C ARG D 38 -9.63 -23.50 -18.22
N SER D 39 -9.90 -23.00 -17.01
CA SER D 39 -11.03 -23.46 -16.22
C SER D 39 -11.32 -22.40 -15.17
N PHE D 40 -12.49 -22.53 -14.55
CA PHE D 40 -12.85 -21.66 -13.43
C PHE D 40 -13.92 -22.35 -12.61
N ASP D 41 -14.05 -21.90 -11.36
CA ASP D 41 -15.14 -22.33 -10.50
C ASP D 41 -15.64 -21.10 -9.75
N LEU D 42 -16.33 -21.32 -8.61
CA LEU D 42 -16.97 -20.20 -7.92
C LEU D 42 -15.94 -19.16 -7.46
N PHE D 43 -14.81 -19.60 -6.91
CA PHE D 43 -13.84 -18.69 -6.31
C PHE D 43 -12.48 -18.60 -7.00
N THR D 44 -12.20 -19.43 -8.01
CA THR D 44 -10.87 -19.43 -8.61
C THR D 44 -10.96 -19.50 -10.13
N ILE D 45 -9.86 -19.10 -10.77
CA ILE D 45 -9.68 -19.18 -12.22
C ILE D 45 -8.33 -19.82 -12.48
N LEU D 46 -8.27 -20.76 -13.42
CA LEU D 46 -7.01 -21.37 -13.82
C LEU D 46 -6.54 -20.68 -15.10
N LEU D 47 -5.46 -19.93 -15.00
CA LEU D 47 -4.86 -19.25 -16.15
C LEU D 47 -3.68 -20.06 -16.65
N GLU D 48 -3.56 -20.15 -17.97
CA GLU D 48 -2.43 -20.81 -18.61
C GLU D 48 -1.71 -19.79 -19.49
N ASP D 49 -0.40 -19.70 -19.33
CA ASP D 49 0.45 -18.89 -20.20
C ASP D 49 1.51 -19.85 -20.71
N GLY D 50 1.30 -20.36 -21.93
CA GLY D 50 2.14 -21.41 -22.46
C GLY D 50 2.19 -22.63 -21.57
N LYS D 51 3.33 -22.86 -20.94
CA LYS D 51 3.56 -24.02 -20.10
C LYS D 51 3.19 -23.81 -18.63
N GLN D 52 2.98 -22.56 -18.21
N GLN D 52 2.98 -22.58 -18.19
CA GLN D 52 2.77 -22.24 -16.82
CA GLN D 52 2.80 -22.29 -16.78
C GLN D 52 1.28 -22.24 -16.48
C GLN D 52 1.32 -22.20 -16.44
N GLN D 53 0.91 -22.93 -15.41
CA GLN D 53 -0.41 -22.82 -14.83
C GLN D 53 -0.34 -21.89 -13.63
N THR D 54 -1.39 -21.09 -13.45
CA THR D 54 -1.54 -20.24 -12.28
C THR D 54 -2.97 -20.35 -11.80
N LEU D 55 -3.16 -20.73 -10.53
CA LEU D 55 -4.48 -20.67 -9.92
C LEU D 55 -4.65 -19.28 -9.32
N VAL D 56 -5.67 -18.55 -9.78
CA VAL D 56 -5.93 -17.18 -9.33
C VAL D 56 -7.19 -17.18 -8.49
N TYR D 57 -7.10 -16.59 -7.29
CA TYR D 57 -8.27 -16.37 -6.47
C TYR D 57 -9.02 -15.11 -6.96
N LYS D 58 -10.30 -15.28 -7.26
CA LYS D 58 -11.09 -14.14 -7.75
C LYS D 58 -11.09 -12.97 -6.77
N HIS D 59 -11.02 -13.24 -5.47
CA HIS D 59 -11.05 -12.15 -4.49
C HIS D 59 -9.86 -11.20 -4.65
N ALA D 60 -8.81 -11.62 -5.37
CA ALA D 60 -7.64 -10.79 -5.59
C ALA D 60 -7.68 -10.06 -6.93
N ILE D 61 -8.69 -10.32 -7.76
CA ILE D 61 -8.79 -9.72 -9.09
C ILE D 61 -9.52 -8.40 -8.99
N THR D 62 -9.03 -7.38 -9.71
CA THR D 62 -9.82 -6.17 -9.91
C THR D 62 -10.60 -6.23 -11.21
N THR D 63 -9.93 -6.55 -12.31
CA THR D 63 -10.54 -6.49 -13.62
C THR D 63 -9.97 -7.58 -14.51
N ILE D 64 -10.77 -8.04 -15.47
CA ILE D 64 -10.31 -8.92 -16.53
C ILE D 64 -10.58 -8.23 -17.86
N VAL D 65 -9.54 -8.12 -18.68
CA VAL D 65 -9.61 -7.39 -19.94
C VAL D 65 -9.24 -8.37 -21.05
N PRO D 66 -10.17 -8.73 -21.93
CA PRO D 66 -9.82 -9.63 -23.02
C PRO D 66 -9.07 -8.88 -24.11
N HIS D 67 -8.15 -9.61 -24.75
CA HIS D 67 -7.34 -9.02 -25.81
C HIS D 67 -8.05 -9.03 -27.16
N GLU D 68 -9.20 -9.70 -27.27
CA GLU D 68 -10.10 -9.59 -28.41
C GLU D 68 -11.50 -9.38 -27.88
N ARG D 69 -12.37 -8.81 -28.72
CA ARG D 69 -13.74 -8.58 -28.29
C ARG D 69 -14.46 -9.91 -28.09
N LEU D 70 -15.16 -10.03 -26.96
CA LEU D 70 -15.98 -11.20 -26.67
C LEU D 70 -17.42 -10.91 -27.08
N GLU D 71 -17.98 -11.76 -27.92
CA GLU D 71 -19.41 -11.74 -28.21
C GLU D 71 -20.06 -12.56 -27.11
N ILE D 72 -20.37 -11.89 -26.00
CA ILE D 72 -20.82 -12.56 -24.79
C ILE D 72 -22.15 -13.29 -24.97
N MET E 4 -20.52 -27.23 -9.59
CA MET E 4 -19.65 -27.59 -8.47
C MET E 4 -18.70 -26.44 -8.13
N PRO E 5 -19.00 -25.76 -7.03
CA PRO E 5 -18.31 -24.48 -6.74
C PRO E 5 -16.82 -24.60 -6.45
N TYR E 6 -16.34 -25.77 -6.04
CA TYR E 6 -14.94 -25.93 -5.66
C TYR E 6 -14.20 -26.93 -6.54
N LYS E 7 -14.79 -27.34 -7.66
CA LYS E 7 -14.22 -28.44 -8.43
C LYS E 7 -12.80 -28.13 -8.89
N LEU E 8 -12.57 -26.92 -9.40
CA LEU E 8 -11.22 -26.55 -9.84
C LEU E 8 -10.30 -26.37 -8.64
N GLN E 9 -10.70 -25.54 -7.66
CA GLN E 9 -9.81 -25.24 -6.55
C GLN E 9 -9.42 -26.51 -5.80
N GLU E 10 -10.39 -27.38 -5.53
CA GLU E 10 -10.09 -28.61 -4.81
C GLU E 10 -9.20 -29.54 -5.62
N SER E 11 -9.46 -29.66 -6.93
CA SER E 11 -8.63 -30.54 -7.76
C SER E 11 -7.20 -30.02 -7.83
N PHE E 12 -7.04 -28.70 -7.96
CA PHE E 12 -5.70 -28.12 -8.02
C PHE E 12 -4.95 -28.36 -6.71
N LEU E 13 -5.56 -27.99 -5.58
CA LEU E 13 -4.88 -28.14 -4.29
C LEU E 13 -4.58 -29.60 -3.98
N ASN E 14 -5.54 -30.49 -4.23
CA ASN E 14 -5.34 -31.90 -3.89
C ASN E 14 -4.27 -32.53 -4.77
N THR E 15 -4.22 -32.15 -6.04
CA THR E 15 -3.20 -32.72 -6.92
C THR E 15 -1.81 -32.27 -6.49
N ALA E 16 -1.66 -30.98 -6.19
CA ALA E 16 -0.38 -30.50 -5.68
C ALA E 16 -0.02 -31.19 -4.37
N ARG E 17 -1.02 -31.43 -3.51
CA ARG E 17 -0.74 -32.09 -2.24
C ARG E 17 -0.30 -33.53 -2.45
N LYS E 18 -1.07 -34.30 -3.24
N LYS E 18 -1.09 -34.30 -3.23
CA LYS E 18 -0.78 -35.72 -3.39
CA LYS E 18 -0.78 -35.72 -3.42
C LYS E 18 0.52 -35.95 -4.16
C LYS E 18 0.55 -35.91 -4.12
N LYS E 19 0.84 -35.09 -5.11
CA LYS E 19 2.08 -35.22 -5.88
C LYS E 19 3.27 -34.54 -5.20
N ARG E 20 3.05 -33.86 -4.06
CA ARG E 20 4.14 -33.26 -3.30
C ARG E 20 4.93 -32.27 -4.15
N VAL E 21 4.22 -31.47 -4.94
CA VAL E 21 4.83 -30.50 -5.84
C VAL E 21 5.07 -29.20 -5.06
N LYS E 22 6.28 -28.65 -5.17
N LYS E 22 6.29 -28.66 -5.17
CA LYS E 22 6.54 -27.36 -4.57
CA LYS E 22 6.55 -27.34 -4.62
C LYS E 22 5.74 -26.27 -5.28
C LYS E 22 5.67 -26.31 -5.29
N VAL E 23 5.18 -25.35 -4.50
CA VAL E 23 4.39 -24.25 -5.02
C VAL E 23 4.92 -22.93 -4.50
N SER E 24 4.71 -21.87 -5.28
CA SER E 24 4.83 -20.50 -4.79
C SER E 24 3.43 -19.98 -4.52
N VAL E 25 3.22 -19.45 -3.32
CA VAL E 25 1.95 -18.87 -2.92
C VAL E 25 2.18 -17.36 -2.79
N TYR E 26 1.61 -16.59 -3.71
CA TYR E 26 1.77 -15.14 -3.71
C TYR E 26 0.64 -14.50 -2.92
N LEU E 27 1.00 -13.54 -2.08
CA LEU E 27 0.05 -12.88 -1.19
C LEU E 27 -0.33 -11.50 -1.71
N VAL E 28 -1.42 -10.96 -1.17
CA VAL E 28 -1.93 -9.67 -1.62
C VAL E 28 -0.90 -8.56 -1.47
N ASN E 29 0.00 -8.67 -0.49
CA ASN E 29 0.98 -7.63 -0.23
C ASN E 29 2.30 -7.85 -0.98
N GLY E 30 2.35 -8.83 -1.88
CA GLY E 30 3.55 -9.09 -2.67
C GLY E 30 4.50 -10.11 -2.07
N VAL E 31 4.27 -10.55 -0.85
CA VAL E 31 5.10 -11.59 -0.26
C VAL E 31 4.87 -12.90 -1.01
N ARG E 32 5.95 -13.64 -1.25
CA ARG E 32 5.88 -14.95 -1.91
C ARG E 32 6.29 -16.03 -0.92
N LEU E 33 5.36 -16.91 -0.59
CA LEU E 33 5.69 -18.08 0.22
C LEU E 33 6.05 -19.23 -0.72
N GLN E 34 6.82 -20.17 -0.18
CA GLN E 34 7.21 -21.34 -0.95
C GLN E 34 7.15 -22.58 -0.07
N GLY E 35 6.69 -23.68 -0.63
CA GLY E 35 6.64 -24.92 0.10
C GLY E 35 5.75 -25.93 -0.59
N ARG E 36 5.41 -26.97 0.16
CA ARG E 36 4.51 -28.01 -0.29
C ARG E 36 3.22 -27.94 0.52
N ILE E 37 2.10 -28.20 -0.14
CA ILE E 37 0.79 -28.21 0.50
C ILE E 37 0.65 -29.52 1.27
N ARG E 38 0.58 -29.42 2.60
CA ARG E 38 0.38 -30.60 3.43
C ARG E 38 -1.09 -30.89 3.67
N SER E 39 -1.92 -29.85 3.78
CA SER E 39 -3.33 -30.00 4.03
C SER E 39 -4.03 -28.70 3.64
N PHE E 40 -5.36 -28.74 3.59
CA PHE E 40 -6.16 -27.55 3.34
C PHE E 40 -7.58 -27.81 3.79
N ASP E 41 -8.30 -26.74 4.08
CA ASP E 41 -9.74 -26.81 4.33
C ASP E 41 -10.40 -25.63 3.60
N LEU E 42 -11.60 -25.24 4.04
CA LEU E 42 -12.35 -24.26 3.25
C LEU E 42 -11.61 -22.94 3.16
N PHE E 43 -11.02 -22.48 4.26
CA PHE E 43 -10.44 -21.14 4.30
C PHE E 43 -8.92 -21.10 4.47
N THR E 44 -8.25 -22.23 4.70
CA THR E 44 -6.82 -22.20 4.99
C THR E 44 -6.09 -23.30 4.23
N ILE E 45 -4.77 -23.10 4.09
CA ILE E 45 -3.86 -24.06 3.50
C ILE E 45 -2.67 -24.19 4.44
N LEU E 46 -2.24 -25.42 4.71
CA LEU E 46 -1.05 -25.67 5.51
C LEU E 46 0.12 -25.90 4.55
N LEU E 47 1.07 -24.97 4.56
N LEU E 47 1.12 -25.03 4.63
CA LEU E 47 2.29 -25.11 3.80
CA LEU E 47 2.28 -25.07 3.73
C LEU E 47 3.39 -25.65 4.69
C LEU E 47 3.53 -25.41 4.54
N GLU E 48 4.29 -26.41 4.09
CA GLU E 48 5.50 -26.88 4.75
C GLU E 48 6.72 -26.54 3.90
N ASP E 49 7.72 -25.95 4.53
CA ASP E 49 8.99 -25.67 3.86
C ASP E 49 10.08 -26.20 4.79
N GLY E 50 10.62 -27.36 4.46
CA GLY E 50 11.55 -28.01 5.37
C GLY E 50 10.86 -28.31 6.68
N LYS E 51 11.40 -27.81 7.78
CA LYS E 51 10.83 -28.08 9.08
C LYS E 51 9.70 -27.13 9.46
N GLN E 52 9.55 -26.01 8.74
N GLN E 52 9.53 -26.04 8.72
CA GLN E 52 8.63 -24.96 9.17
CA GLN E 52 8.63 -24.98 9.13
C GLN E 52 7.25 -25.16 8.57
C GLN E 52 7.24 -25.19 8.56
N GLN E 53 6.23 -25.07 9.42
CA GLN E 53 4.84 -25.05 8.99
C GLN E 53 4.35 -23.61 8.94
N THR E 54 3.46 -23.33 8.00
CA THR E 54 2.83 -22.03 7.88
C THR E 54 1.35 -22.25 7.58
N LEU E 55 0.46 -21.71 8.41
CA LEU E 55 -0.96 -21.72 8.09
C LEU E 55 -1.26 -20.46 7.28
N VAL E 56 -1.76 -20.63 6.07
CA VAL E 56 -2.04 -19.51 5.18
C VAL E 56 -3.54 -19.36 5.05
N TYR E 57 -4.04 -18.13 5.23
CA TYR E 57 -5.44 -17.86 4.97
C TYR E 57 -5.64 -17.58 3.48
N LYS E 58 -6.57 -18.32 2.87
CA LYS E 58 -6.80 -18.18 1.44
C LYS E 58 -7.17 -16.74 1.06
N HIS E 59 -7.88 -16.02 1.94
CA HIS E 59 -8.29 -14.65 1.64
C HIS E 59 -7.10 -13.72 1.37
N ALA E 60 -5.90 -14.12 1.78
CA ALA E 60 -4.69 -13.33 1.57
C ALA E 60 -3.92 -13.75 0.33
N ILE E 61 -4.34 -14.81 -0.34
CA ILE E 61 -3.60 -15.34 -1.48
C ILE E 61 -4.09 -14.64 -2.76
N THR E 62 -3.16 -14.29 -3.65
CA THR E 62 -3.56 -13.89 -4.98
C THR E 62 -3.49 -15.06 -5.96
N THR E 63 -2.36 -15.76 -5.98
CA THR E 63 -2.14 -16.83 -6.95
C THR E 63 -1.31 -17.94 -6.32
N ILE E 64 -1.48 -19.14 -6.84
CA ILE E 64 -0.63 -20.27 -6.51
C ILE E 64 -0.04 -20.78 -7.82
N VAL E 65 1.29 -20.89 -7.85
CA VAL E 65 2.04 -21.27 -9.05
C VAL E 65 2.82 -22.53 -8.75
N PRO E 66 2.50 -23.67 -9.36
CA PRO E 66 3.26 -24.89 -9.11
C PRO E 66 4.61 -24.83 -9.82
N HIS E 67 5.63 -25.40 -9.17
CA HIS E 67 6.98 -25.45 -9.72
C HIS E 67 7.17 -26.56 -10.75
N GLU E 68 6.20 -27.47 -10.85
N GLU E 68 6.21 -27.50 -10.82
CA GLU E 68 6.16 -28.46 -11.93
CA GLU E 68 6.13 -28.48 -11.88
C GLU E 68 4.74 -28.54 -12.44
C GLU E 68 4.74 -28.39 -12.48
N ARG E 69 4.59 -28.92 -13.70
CA ARG E 69 3.27 -28.97 -14.31
C ARG E 69 2.40 -29.98 -13.57
N LEU E 70 1.18 -29.56 -13.25
CA LEU E 70 0.21 -30.41 -12.58
C LEU E 70 -0.72 -31.00 -13.62
N GLU E 71 -0.84 -32.33 -13.62
CA GLU E 71 -1.87 -33.00 -14.40
C GLU E 71 -3.06 -33.12 -13.47
N ILE E 72 -3.91 -32.10 -13.51
CA ILE E 72 -5.00 -31.94 -12.54
C ILE E 72 -6.01 -33.08 -12.60
N GLY F 1 -16.62 -38.47 4.78
CA GLY F 1 -17.66 -38.17 5.75
C GLY F 1 -18.34 -36.84 5.46
N SER F 2 -18.83 -36.21 6.53
CA SER F 2 -19.55 -34.96 6.39
C SER F 2 -18.58 -33.81 6.08
N HIS F 3 -19.15 -32.67 5.69
CA HIS F 3 -18.37 -31.47 5.46
C HIS F 3 -17.80 -30.96 6.78
N MET F 4 -16.50 -30.68 6.79
N MET F 4 -16.50 -30.70 6.81
CA MET F 4 -15.81 -30.14 7.96
CA MET F 4 -15.83 -30.13 7.98
C MET F 4 -14.95 -28.98 7.49
C MET F 4 -14.96 -28.98 7.50
N PRO F 5 -15.56 -27.82 7.22
CA PRO F 5 -14.82 -26.72 6.57
C PRO F 5 -13.73 -26.09 7.42
N TYR F 6 -13.69 -26.34 8.72
CA TYR F 6 -12.69 -25.73 9.60
C TYR F 6 -11.71 -26.74 10.18
N LYS F 7 -11.68 -27.97 9.67
CA LYS F 7 -10.94 -29.04 10.35
C LYS F 7 -9.46 -28.69 10.50
N LEU F 8 -8.82 -28.18 9.44
CA LEU F 8 -7.41 -27.83 9.52
C LEU F 8 -7.21 -26.59 10.39
N GLN F 9 -7.96 -25.52 10.10
CA GLN F 9 -7.77 -24.28 10.84
C GLN F 9 -8.00 -24.49 12.33
N GLU F 10 -9.08 -25.19 12.69
CA GLU F 10 -9.40 -25.43 14.09
C GLU F 10 -8.32 -26.27 14.77
N SER F 11 -7.83 -27.31 14.09
N SER F 11 -7.83 -27.31 14.09
N SER F 11 -7.83 -27.31 14.09
CA SER F 11 -6.81 -28.17 14.68
CA SER F 11 -6.82 -28.16 14.71
CA SER F 11 -6.82 -28.16 14.70
C SER F 11 -5.51 -27.41 14.89
C SER F 11 -5.50 -27.42 14.88
C SER F 11 -5.49 -27.43 14.87
N PHE F 12 -5.13 -26.58 13.91
CA PHE F 12 -3.91 -25.80 14.02
C PHE F 12 -3.99 -24.83 15.20
N LEU F 13 -5.07 -24.05 15.26
CA LEU F 13 -5.21 -23.06 16.33
C LEU F 13 -5.34 -23.73 17.70
N ASN F 14 -6.10 -24.82 17.78
CA ASN F 14 -6.27 -25.45 19.09
C ASN F 14 -4.97 -26.08 19.57
N THR F 15 -4.20 -26.65 18.64
CA THR F 15 -2.92 -27.23 19.05
C THR F 15 -1.95 -26.17 19.55
N ALA F 16 -1.85 -25.06 18.81
CA ALA F 16 -1.00 -23.96 19.27
C ALA F 16 -1.47 -23.44 20.62
N ARG F 17 -2.79 -23.32 20.79
CA ARG F 17 -3.33 -22.86 22.07
C ARG F 17 -2.99 -23.82 23.20
N LYS F 18 -3.30 -25.11 23.03
CA LYS F 18 -3.13 -26.05 24.13
C LYS F 18 -1.67 -26.25 24.49
N LYS F 19 -0.78 -26.25 23.51
N LYS F 19 -0.79 -26.25 23.50
CA LYS F 19 0.64 -26.42 23.76
CA LYS F 19 0.64 -26.42 23.73
C LYS F 19 1.35 -25.12 24.10
C LYS F 19 1.34 -25.12 24.11
N ARG F 20 0.63 -23.99 24.09
CA ARG F 20 1.19 -22.70 24.50
C ARG F 20 2.42 -22.31 23.68
N VAL F 21 2.35 -22.57 22.38
CA VAL F 21 3.47 -22.30 21.49
C VAL F 21 3.43 -20.84 21.05
N LYS F 22 4.58 -20.17 21.10
CA LYS F 22 4.66 -18.83 20.56
C LYS F 22 4.45 -18.88 19.05
N VAL F 23 3.71 -17.90 18.54
CA VAL F 23 3.45 -17.79 17.10
C VAL F 23 3.78 -16.38 16.64
N SER F 24 4.13 -16.28 15.35
CA SER F 24 4.14 -15.02 14.65
C SER F 24 2.88 -14.97 13.78
N VAL F 25 2.14 -13.88 13.88
CA VAL F 25 0.92 -13.67 13.11
C VAL F 25 1.20 -12.51 12.17
N TYR F 26 1.28 -12.79 10.87
CA TYR F 26 1.57 -11.77 9.87
C TYR F 26 0.27 -11.20 9.33
N LEU F 27 0.22 -9.88 9.21
CA LEU F 27 -0.99 -9.18 8.76
C LEU F 27 -0.85 -8.75 7.31
N VAL F 28 -2.00 -8.42 6.72
CA VAL F 28 -2.04 -8.05 5.30
C VAL F 28 -1.15 -6.84 5.00
N ASN F 29 -0.92 -5.97 5.98
CA ASN F 29 -0.10 -4.77 5.75
C ASN F 29 1.36 -4.98 6.12
N GLY F 30 1.78 -6.23 6.37
CA GLY F 30 3.17 -6.52 6.70
C GLY F 30 3.52 -6.43 8.17
N VAL F 31 2.61 -5.96 9.03
CA VAL F 31 2.88 -5.98 10.46
C VAL F 31 2.95 -7.42 10.95
N ARG F 32 3.90 -7.70 11.84
CA ARG F 32 4.07 -9.02 12.44
C ARG F 32 3.75 -8.94 13.93
N LEU F 33 2.71 -9.64 14.36
CA LEU F 33 2.41 -9.76 15.78
C LEU F 33 3.08 -11.02 16.32
N GLN F 34 3.34 -11.01 17.63
CA GLN F 34 3.95 -12.16 18.27
C GLN F 34 3.27 -12.41 19.60
N GLY F 35 3.03 -13.67 19.92
CA GLY F 35 2.50 -14.02 21.23
C GLY F 35 2.03 -15.46 21.25
N ARG F 36 1.25 -15.78 22.27
CA ARG F 36 0.60 -17.08 22.39
C ARG F 36 -0.89 -16.92 22.17
N ILE F 37 -1.50 -17.92 21.54
CA ILE F 37 -2.94 -17.90 21.33
C ILE F 37 -3.63 -18.30 22.62
N ARG F 38 -4.34 -17.36 23.24
CA ARG F 38 -5.06 -17.64 24.46
C ARG F 38 -6.43 -18.24 24.17
N SER F 39 -7.09 -17.74 23.12
N SER F 39 -7.08 -17.75 23.10
CA SER F 39 -8.41 -18.21 22.73
CA SER F 39 -8.42 -18.17 22.74
C SER F 39 -8.67 -17.76 21.30
C SER F 39 -8.65 -17.78 21.29
N PHE F 40 -9.72 -18.33 20.72
CA PHE F 40 -10.12 -17.98 19.36
C PHE F 40 -11.58 -18.37 19.16
N ASP F 41 -12.20 -17.72 18.19
CA ASP F 41 -13.55 -18.09 17.77
C ASP F 41 -13.59 -18.07 16.25
N LEU F 42 -14.79 -17.93 15.68
CA LEU F 42 -14.91 -18.07 14.23
C LEU F 42 -14.11 -16.99 13.50
N PHE F 43 -14.16 -15.74 13.96
CA PHE F 43 -13.57 -14.64 13.23
C PHE F 43 -12.39 -13.96 13.93
N THR F 44 -12.08 -14.31 15.18
CA THR F 44 -11.03 -13.60 15.91
C THR F 44 -10.12 -14.57 16.65
N ILE F 45 -8.93 -14.06 16.99
CA ILE F 45 -7.93 -14.75 17.79
C ILE F 45 -7.46 -13.78 18.86
N LEU F 46 -7.31 -14.27 20.10
CA LEU F 46 -6.79 -13.47 21.19
C LEU F 46 -5.33 -13.87 21.41
N LEU F 47 -4.41 -12.93 21.13
CA LEU F 47 -2.99 -13.13 21.34
C LEU F 47 -2.58 -12.47 22.64
N GLU F 48 -1.72 -13.16 23.39
CA GLU F 48 -1.15 -12.61 24.62
C GLU F 48 0.35 -12.55 24.46
N ASP F 49 0.93 -11.40 24.79
CA ASP F 49 2.38 -11.21 24.77
C ASP F 49 2.69 -10.52 26.09
N GLY F 50 3.16 -11.29 27.06
CA GLY F 50 3.33 -10.73 28.39
C GLY F 50 2.00 -10.33 28.98
N LYS F 51 1.91 -9.08 29.42
CA LYS F 51 0.69 -8.55 30.01
C LYS F 51 -0.26 -7.95 28.98
N GLN F 52 0.11 -7.96 27.71
N GLN F 52 0.10 -7.94 27.70
CA GLN F 52 -0.67 -7.31 26.66
CA GLN F 52 -0.71 -7.26 26.70
C GLN F 52 -1.60 -8.32 26.01
C GLN F 52 -1.58 -8.25 25.94
N GLN F 53 -2.86 -7.94 25.85
CA GLN F 53 -3.84 -8.69 25.07
C GLN F 53 -4.07 -7.96 23.76
N THR F 54 -4.21 -8.73 22.67
CA THR F 54 -4.55 -8.18 21.36
C THR F 54 -5.63 -9.05 20.76
N LEU F 55 -6.76 -8.45 20.40
CA LEU F 55 -7.78 -9.16 19.62
C LEU F 55 -7.44 -8.97 18.15
N VAL F 56 -7.22 -10.07 17.43
CA VAL F 56 -6.84 -10.04 16.03
C VAL F 56 -8.02 -10.55 15.20
N TYR F 57 -8.40 -9.80 14.17
CA TYR F 57 -9.40 -10.27 13.22
C TYR F 57 -8.75 -11.16 12.17
N LYS F 58 -9.28 -12.37 12.01
CA LYS F 58 -8.69 -13.31 11.06
C LYS F 58 -8.65 -12.75 9.65
N HIS F 59 -9.64 -11.93 9.27
CA HIS F 59 -9.67 -11.37 7.92
C HIS F 59 -8.44 -10.51 7.60
N ALA F 60 -7.69 -10.09 8.62
CA ALA F 60 -6.49 -9.28 8.44
C ALA F 60 -5.21 -10.11 8.47
N ILE F 61 -5.31 -11.41 8.73
CA ILE F 61 -4.14 -12.28 8.84
C ILE F 61 -3.78 -12.83 7.48
N THR F 62 -2.48 -12.87 7.16
CA THR F 62 -2.04 -13.63 6.00
C THR F 62 -1.59 -15.03 6.39
N THR F 63 -0.71 -15.13 7.39
CA THR F 63 -0.12 -16.40 7.77
C THR F 63 0.10 -16.43 9.28
N ILE F 64 0.09 -17.63 9.83
CA ILE F 64 0.50 -17.87 11.21
C ILE F 64 1.64 -18.87 11.19
N VAL F 65 2.75 -18.49 11.81
CA VAL F 65 3.96 -19.30 11.80
C VAL F 65 4.31 -19.66 13.24
N PRO F 66 4.20 -20.92 13.63
CA PRO F 66 4.57 -21.31 14.99
C PRO F 66 6.07 -21.33 15.17
N HIS F 67 6.51 -20.98 16.37
CA HIS F 67 7.94 -20.95 16.69
C HIS F 67 8.48 -22.31 17.10
N GLU F 68 7.60 -23.30 17.26
CA GLU F 68 7.97 -24.69 17.46
C GLU F 68 7.07 -25.52 16.57
N ARG F 69 7.51 -26.72 16.23
CA ARG F 69 6.71 -27.58 15.39
C ARG F 69 5.44 -28.02 16.13
N LEU F 70 4.31 -27.94 15.44
CA LEU F 70 3.05 -28.43 15.96
C LEU F 70 2.78 -29.83 15.42
N GLU F 71 2.46 -30.75 16.31
CA GLU F 71 1.96 -32.07 15.89
C GLU F 71 0.46 -31.93 15.77
N ILE F 72 -0.01 -31.61 14.57
CA ILE F 72 -1.41 -31.34 14.30
C ILE F 72 -2.20 -32.62 14.20
N SER G 2 -5.46 6.24 -21.39
N SER G 2 -6.55 2.77 -21.43
CA SER G 2 -5.51 4.92 -20.75
CA SER G 2 -6.45 1.65 -20.51
C SER G 2 -5.52 5.06 -19.23
C SER G 2 -6.63 2.11 -19.07
N HIS G 3 -5.72 3.94 -18.54
N HIS G 3 -6.03 3.25 -18.74
CA HIS G 3 -5.92 3.97 -17.09
CA HIS G 3 -5.99 3.82 -17.39
C HIS G 3 -5.05 3.01 -16.29
C HIS G 3 -5.12 3.01 -16.43
N MET G 4 -4.37 2.04 -16.93
CA MET G 4 -3.65 1.08 -16.10
C MET G 4 -2.28 1.61 -15.70
N PRO G 5 -1.86 1.29 -14.47
CA PRO G 5 -0.74 2.02 -13.86
C PRO G 5 0.63 1.74 -14.46
N TYR G 6 0.83 0.60 -15.12
CA TYR G 6 2.14 0.26 -15.66
C TYR G 6 2.12 0.08 -17.16
N LYS G 7 1.05 0.50 -17.84
N LYS G 7 1.07 0.52 -17.85
CA LYS G 7 0.90 0.22 -19.27
CA LYS G 7 0.92 0.19 -19.27
C LYS G 7 2.10 0.74 -20.05
C LYS G 7 2.05 0.77 -20.11
N LEU G 8 2.52 1.98 -19.78
CA LEU G 8 3.64 2.56 -20.52
C LEU G 8 4.96 1.95 -20.10
N GLN G 9 5.24 1.93 -18.79
CA GLN G 9 6.51 1.43 -18.32
C GLN G 9 6.75 -0.02 -18.75
N GLU G 10 5.72 -0.87 -18.64
CA GLU G 10 5.88 -2.26 -19.03
C GLU G 10 6.13 -2.38 -20.54
N SER G 11 5.38 -1.62 -21.34
CA SER G 11 5.54 -1.71 -22.79
C SER G 11 6.92 -1.23 -23.22
N PHE G 12 7.39 -0.12 -22.65
CA PHE G 12 8.71 0.41 -22.99
C PHE G 12 9.80 -0.57 -22.63
N LEU G 13 9.80 -1.05 -21.38
CA LEU G 13 10.86 -1.96 -20.94
C LEU G 13 10.81 -3.30 -21.68
N ASN G 14 9.60 -3.84 -21.90
CA ASN G 14 9.49 -5.12 -22.59
C ASN G 14 9.93 -5.01 -24.05
N THR G 15 9.60 -3.89 -24.72
CA THR G 15 10.02 -3.72 -26.11
C THR G 15 11.54 -3.58 -26.21
N ALA G 16 12.14 -2.79 -25.32
CA ALA G 16 13.60 -2.68 -25.32
C ALA G 16 14.26 -4.03 -25.03
N ARG G 17 13.69 -4.79 -24.09
CA ARG G 17 14.25 -6.11 -23.76
C ARG G 17 14.13 -7.08 -24.93
N LYS G 18 12.92 -7.21 -25.49
N LYS G 18 12.91 -7.21 -25.48
CA LYS G 18 12.70 -8.19 -26.55
CA LYS G 18 12.66 -8.22 -26.50
C LYS G 18 13.51 -7.86 -27.80
C LYS G 18 13.39 -7.91 -27.81
N LYS G 19 13.58 -6.57 -28.15
N LYS G 19 13.61 -6.64 -28.11
CA LYS G 19 14.32 -6.16 -29.33
CA LYS G 19 14.32 -6.24 -29.32
C LYS G 19 15.81 -6.00 -29.09
C LYS G 19 15.81 -6.04 -29.09
N ARG G 20 16.29 -6.24 -27.86
CA ARG G 20 17.71 -6.18 -27.54
C ARG G 20 18.32 -4.85 -27.98
N VAL G 21 17.61 -3.76 -27.68
CA VAL G 21 18.02 -2.41 -28.04
C VAL G 21 18.94 -1.88 -26.94
N LYS G 22 20.08 -1.35 -27.33
CA LYS G 22 20.94 -0.68 -26.36
C LYS G 22 20.25 0.56 -25.81
N VAL G 23 20.42 0.81 -24.51
CA VAL G 23 19.81 1.97 -23.87
C VAL G 23 20.87 2.71 -23.06
N SER G 24 20.62 4.01 -22.85
CA SER G 24 21.34 4.78 -21.86
C SER G 24 20.42 4.96 -20.66
N VAL G 25 20.92 4.64 -19.47
CA VAL G 25 20.16 4.78 -18.23
C VAL G 25 20.87 5.85 -17.42
N TYR G 26 20.19 6.97 -17.20
CA TYR G 26 20.77 8.08 -16.47
C TYR G 26 20.34 7.99 -15.02
N LEU G 27 21.29 8.19 -14.12
CA LEU G 27 21.03 8.05 -12.69
C LEU G 27 20.91 9.43 -12.04
N VAL G 28 20.29 9.43 -10.85
CA VAL G 28 20.01 10.67 -10.14
C VAL G 28 21.28 11.46 -9.85
N ASN G 29 22.41 10.77 -9.71
CA ASN G 29 23.67 11.43 -9.38
C ASN G 29 24.49 11.80 -10.60
N GLY G 30 23.96 11.60 -11.81
CA GLY G 30 24.65 12.00 -13.02
C GLY G 30 25.42 10.91 -13.72
N VAL G 31 25.54 9.72 -13.12
CA VAL G 31 26.17 8.60 -13.83
C VAL G 31 25.26 8.15 -14.96
N ARG G 32 25.85 7.83 -16.11
CA ARG G 32 25.14 7.25 -17.24
C ARG G 32 25.62 5.82 -17.43
N LEU G 33 24.68 4.89 -17.39
CA LEU G 33 24.96 3.48 -17.69
C LEU G 33 24.51 3.19 -19.11
N GLN G 34 25.15 2.21 -19.75
N GLN G 34 25.18 2.24 -19.74
CA GLN G 34 24.78 1.81 -21.10
CA GLN G 34 24.80 1.78 -21.08
C GLN G 34 24.82 0.30 -21.21
C GLN G 34 24.74 0.26 -21.07
N GLY G 35 23.78 -0.28 -21.81
CA GLY G 35 23.72 -1.71 -22.02
C GLY G 35 22.38 -2.10 -22.59
N ARG G 36 22.14 -3.41 -22.64
CA ARG G 36 20.84 -3.94 -22.95
C ARG G 36 20.10 -4.32 -21.68
N ILE G 37 18.77 -4.17 -21.71
CA ILE G 37 17.91 -4.63 -20.63
C ILE G 37 17.72 -6.13 -20.81
N ARG G 38 18.39 -6.92 -19.97
CA ARG G 38 18.27 -8.37 -20.01
C ARG G 38 16.98 -8.82 -19.35
N SER G 39 16.58 -8.13 -18.29
CA SER G 39 15.42 -8.51 -17.50
C SER G 39 15.01 -7.29 -16.69
N PHE G 40 13.79 -7.33 -16.16
CA PHE G 40 13.33 -6.28 -15.26
C PHE G 40 12.16 -6.81 -14.46
N ASP G 41 11.90 -6.16 -13.33
CA ASP G 41 10.71 -6.44 -12.52
C ASP G 41 10.16 -5.10 -12.02
N LEU G 42 9.37 -5.13 -10.95
CA LEU G 42 8.69 -3.91 -10.52
C LEU G 42 9.67 -2.82 -10.15
N PHE G 43 10.74 -3.16 -9.42
CA PHE G 43 11.64 -2.16 -8.89
C PHE G 43 13.04 -2.16 -9.44
N THR G 44 13.43 -3.14 -10.27
CA THR G 44 14.81 -3.23 -10.73
C THR G 44 14.87 -3.55 -12.22
N ILE G 45 16.03 -3.23 -12.79
CA ILE G 45 16.36 -3.58 -14.17
C ILE G 45 17.74 -4.22 -14.17
N LEU G 46 17.91 -5.29 -14.94
CA LEU G 46 19.21 -5.93 -15.11
C LEU G 46 19.79 -5.48 -16.43
N LEU G 47 20.87 -4.71 -16.37
CA LEU G 47 21.60 -4.25 -17.56
C LEU G 47 22.77 -5.17 -17.82
N GLU G 48 23.01 -5.46 -19.10
N GLU G 48 23.01 -5.47 -19.10
CA GLU G 48 24.14 -6.26 -19.54
CA GLU G 48 24.18 -6.26 -19.48
C GLU G 48 24.86 -5.50 -20.64
C GLU G 48 24.87 -5.60 -20.66
N ASP G 49 26.19 -5.47 -20.57
CA ASP G 49 26.98 -4.84 -21.63
C ASP G 49 28.00 -5.77 -22.29
N GLY G 50 27.91 -7.08 -22.05
CA GLY G 50 28.86 -8.03 -22.59
C GLY G 50 30.04 -8.33 -21.70
N LYS G 51 30.41 -7.42 -20.82
CA LYS G 51 31.45 -7.64 -19.83
C LYS G 51 30.92 -7.69 -18.41
N GLN G 52 29.86 -6.95 -18.12
CA GLN G 52 29.40 -6.77 -16.77
C GLN G 52 27.88 -6.84 -16.74
N GLN G 53 27.35 -7.50 -15.71
N GLN G 53 27.33 -7.46 -15.70
CA GLN G 53 25.96 -7.38 -15.31
CA GLN G 53 25.92 -7.36 -15.40
C GLN G 53 25.85 -6.30 -14.26
C GLN G 53 25.74 -6.42 -14.21
N THR G 54 24.72 -5.58 -14.28
CA THR G 54 24.45 -4.55 -13.27
C THR G 54 22.99 -4.60 -12.92
N LEU G 55 22.67 -4.77 -11.63
CA LEU G 55 21.31 -4.62 -11.16
C LEU G 55 21.11 -3.14 -10.83
N VAL G 56 20.13 -2.51 -11.50
CA VAL G 56 19.84 -1.09 -11.32
C VAL G 56 18.51 -0.95 -10.61
N TYR G 57 18.49 -0.15 -9.54
CA TYR G 57 17.24 0.17 -8.88
C TYR G 57 16.53 1.31 -9.61
N LYS G 58 15.26 1.10 -9.97
CA LYS G 58 14.53 2.13 -10.72
C LYS G 58 14.45 3.43 -9.94
N HIS G 59 14.37 3.38 -8.60
CA HIS G 59 14.29 4.61 -7.82
C HIS G 59 15.48 5.52 -8.02
N ALA G 60 16.59 5.00 -8.56
CA ALA G 60 17.79 5.78 -8.82
C ALA G 60 17.87 6.28 -10.25
N ILE G 61 16.93 5.90 -11.10
CA ILE G 61 16.94 6.28 -12.51
C ILE G 61 16.22 7.60 -12.69
N THR G 62 16.80 8.49 -13.49
CA THR G 62 16.02 9.64 -13.94
C THR G 62 15.33 9.36 -15.28
N THR G 63 16.11 8.93 -16.28
CA THR G 63 15.58 8.73 -17.63
C THR G 63 16.23 7.50 -18.28
N ILE G 64 15.50 6.90 -19.20
CA ILE G 64 16.03 5.85 -20.07
C ILE G 64 15.86 6.31 -21.50
N VAL G 65 16.96 6.32 -22.25
CA VAL G 65 16.95 6.77 -23.64
C VAL G 65 17.37 5.60 -24.52
N PRO G 66 16.49 5.09 -25.39
CA PRO G 66 16.87 3.97 -26.26
C PRO G 66 17.72 4.47 -27.42
N HIS G 67 18.66 3.63 -27.85
CA HIS G 67 19.57 3.98 -28.94
C HIS G 67 18.99 3.70 -30.32
N GLU G 68 17.87 2.98 -30.39
CA GLU G 68 17.06 2.85 -31.60
C GLU G 68 15.64 3.18 -31.22
N ARG G 69 14.86 3.67 -32.19
CA ARG G 69 13.48 4.02 -31.88
C ARG G 69 12.69 2.77 -31.56
N LEU G 70 11.93 2.83 -30.46
CA LEU G 70 11.06 1.75 -30.05
C LEU G 70 9.66 1.98 -30.64
N GLU G 71 9.05 0.89 -31.11
CA GLU G 71 7.75 0.97 -31.76
C GLU G 71 6.65 0.62 -30.76
N SER H 2 7.50 -12.26 -18.13
N SER H 2 6.96 -14.08 -16.10
CA SER H 2 7.37 -12.45 -16.69
CA SER H 2 6.08 -14.49 -15.00
C SER H 2 6.61 -11.29 -16.04
C SER H 2 5.13 -13.37 -14.63
N HIS H 3 5.86 -11.58 -14.98
N HIS H 3 5.59 -12.13 -14.83
CA HIS H 3 4.92 -10.61 -14.43
CA HIS H 3 4.91 -10.88 -14.49
C HIS H 3 5.04 -10.40 -12.93
C HIS H 3 4.98 -10.55 -13.01
N MET H 4 5.81 -11.21 -12.21
N MET H 4 5.85 -11.24 -12.22
CA MET H 4 5.85 -11.07 -10.75
CA MET H 4 5.79 -11.01 -10.79
C MET H 4 6.79 -9.93 -10.35
C MET H 4 6.78 -9.92 -10.36
N PRO H 5 6.42 -9.18 -9.30
CA PRO H 5 7.13 -7.91 -9.01
C PRO H 5 8.56 -8.03 -8.53
N TYR H 6 8.96 -9.15 -7.92
CA TYR H 6 10.30 -9.27 -7.36
C TYR H 6 11.11 -10.40 -7.99
N LYS H 7 10.66 -10.93 -9.13
N LYS H 7 10.64 -10.96 -9.10
CA LYS H 7 11.29 -12.16 -9.64
CA LYS H 7 11.28 -12.14 -9.66
C LYS H 7 12.74 -11.93 -10.02
C LYS H 7 12.76 -11.90 -9.93
N LEU H 8 13.08 -10.76 -10.55
CA LEU H 8 14.48 -10.48 -10.87
C LEU H 8 15.28 -10.14 -9.63
N GLN H 9 14.78 -9.19 -8.83
CA GLN H 9 15.53 -8.75 -7.65
C GLN H 9 15.80 -9.91 -6.69
N GLU H 10 14.78 -10.74 -6.45
CA GLU H 10 14.96 -11.87 -5.53
C GLU H 10 15.96 -12.88 -6.09
N SER H 11 15.87 -13.18 -7.39
CA SER H 11 16.80 -14.15 -7.97
C SER H 11 18.23 -13.63 -7.97
N PHE H 12 18.41 -12.35 -8.33
CA PHE H 12 19.74 -11.76 -8.33
C PHE H 12 20.36 -11.79 -6.93
N LEU H 13 19.63 -11.26 -5.94
CA LEU H 13 20.17 -11.20 -4.59
C LEU H 13 20.40 -12.59 -4.00
N ASN H 14 19.46 -13.52 -4.21
CA ASN H 14 19.64 -14.86 -3.69
C ASN H 14 20.83 -15.57 -4.32
N THR H 15 21.02 -15.40 -5.64
CA THR H 15 22.16 -16.02 -6.30
C THR H 15 23.48 -15.43 -5.79
N ALA H 16 23.54 -14.10 -5.65
CA ALA H 16 24.75 -13.49 -5.11
C ALA H 16 25.01 -13.99 -3.70
N ARG H 17 23.95 -14.13 -2.91
CA ARG H 17 24.12 -14.57 -1.52
C ARG H 17 24.61 -16.01 -1.45
N LYS H 18 23.94 -16.93 -2.15
CA LYS H 18 24.27 -18.35 -2.07
C LYS H 18 25.66 -18.63 -2.63
N LYS H 19 26.06 -17.92 -3.68
CA LYS H 19 27.37 -18.15 -4.28
C LYS H 19 28.48 -17.38 -3.57
N ARG H 20 28.13 -16.55 -2.60
CA ARG H 20 29.12 -15.78 -1.83
C ARG H 20 30.05 -14.99 -2.74
N VAL H 21 29.46 -14.36 -3.75
CA VAL H 21 30.22 -13.54 -4.69
C VAL H 21 30.43 -12.15 -4.12
N LYS H 22 31.64 -11.63 -4.27
CA LYS H 22 31.89 -10.25 -3.89
C LYS H 22 31.12 -9.31 -4.80
N VAL H 23 30.52 -8.27 -4.21
CA VAL H 23 29.81 -7.25 -4.97
C VAL H 23 30.36 -5.86 -4.64
N SER H 24 30.16 -4.96 -5.59
CA SER H 24 30.25 -3.52 -5.35
C SER H 24 28.84 -2.96 -5.36
N VAL H 25 28.51 -2.19 -4.34
CA VAL H 25 27.20 -1.55 -4.19
C VAL H 25 27.44 -0.05 -4.25
N TYR H 26 26.84 0.60 -5.24
CA TYR H 26 27.01 2.04 -5.44
C TYR H 26 25.78 2.76 -4.91
N LEU H 27 26.00 3.84 -4.19
CA LEU H 27 24.90 4.55 -3.53
C LEU H 27 24.55 5.82 -4.28
N VAL H 28 23.38 6.39 -3.95
CA VAL H 28 22.89 7.60 -4.61
C VAL H 28 23.85 8.77 -4.44
N ASN H 29 24.62 8.80 -3.35
CA ASN H 29 25.56 9.89 -3.10
C ASN H 29 26.97 9.61 -3.61
N GLY H 30 27.14 8.54 -4.39
CA GLY H 30 28.43 8.22 -4.96
C GLY H 30 29.28 7.29 -4.13
N VAL H 31 28.87 6.97 -2.90
CA VAL H 31 29.64 6.04 -2.08
C VAL H 31 29.68 4.67 -2.74
N ARG H 32 30.81 3.99 -2.62
CA ARG H 32 30.95 2.61 -3.06
C ARG H 32 31.16 1.71 -1.83
N LEU H 33 30.35 0.67 -1.71
CA LEU H 33 30.55 -0.35 -0.71
C LEU H 33 30.98 -1.64 -1.38
N GLN H 34 31.81 -2.43 -0.68
CA GLN H 34 32.22 -3.72 -1.20
C GLN H 34 32.11 -4.78 -0.11
N GLY H 35 31.63 -5.96 -0.50
CA GLY H 35 31.56 -7.09 0.41
C GLY H 35 30.73 -8.19 -0.20
N ARG H 36 30.36 -9.16 0.64
CA ARG H 36 29.41 -10.20 0.25
C ARG H 36 28.03 -9.89 0.82
N ILE H 37 27.01 -10.29 0.08
CA ILE H 37 25.63 -10.19 0.58
C ILE H 37 25.40 -11.36 1.52
N ARG H 38 25.37 -11.10 2.82
CA ARG H 38 25.14 -12.16 3.80
C ARG H 38 23.65 -12.49 3.92
N SER H 39 22.80 -11.48 3.77
CA SER H 39 21.36 -11.64 3.95
C SER H 39 20.69 -10.45 3.29
N PHE H 40 19.39 -10.57 3.07
CA PHE H 40 18.60 -9.45 2.56
C PHE H 40 17.14 -9.69 2.86
N ASP H 41 16.38 -8.60 2.83
CA ASP H 41 14.92 -8.68 2.92
C ASP H 41 14.33 -7.65 1.96
N LEU H 42 13.07 -7.24 2.20
CA LEU H 42 12.41 -6.38 1.21
C LEU H 42 13.14 -5.06 1.03
N PHE H 43 13.59 -4.45 2.13
CA PHE H 43 14.13 -3.09 2.07
C PHE H 43 15.60 -2.96 2.39
N THR H 44 16.28 -4.03 2.82
CA THR H 44 17.65 -3.91 3.29
C THR H 44 18.48 -5.08 2.79
N ILE H 45 19.79 -4.86 2.80
CA ILE H 45 20.80 -5.86 2.47
C ILE H 45 21.87 -5.80 3.55
N LEU H 46 22.34 -6.96 4.00
CA LEU H 46 23.43 -7.03 4.97
C LEU H 46 24.68 -7.38 4.21
N LEU H 47 25.63 -6.44 4.14
CA LEU H 47 26.93 -6.69 3.54
C LEU H 47 27.92 -7.06 4.63
N GLU H 48 28.79 -8.01 4.31
CA GLU H 48 29.86 -8.42 5.20
C GLU H 48 31.19 -8.33 4.46
N ASP H 49 32.18 -7.78 5.14
CA ASP H 49 33.55 -7.73 4.65
C ASP H 49 34.42 -8.12 5.84
N GLY H 50 34.93 -9.34 5.83
CA GLY H 50 35.66 -9.83 6.99
C GLY H 50 34.75 -9.88 8.20
N LYS H 51 35.19 -9.23 9.28
CA LYS H 51 34.42 -9.22 10.52
C LYS H 51 33.34 -8.14 10.54
N GLN H 52 33.36 -7.19 9.61
CA GLN H 52 32.50 -6.02 9.69
C GLN H 52 31.20 -6.24 8.92
N GLN H 53 30.08 -5.95 9.58
CA GLN H 53 28.76 -5.98 8.97
C GLN H 53 28.30 -4.55 8.71
N THR H 54 27.50 -4.39 7.65
CA THR H 54 26.88 -3.11 7.30
C THR H 54 25.48 -3.39 6.81
N LEU H 55 24.49 -2.77 7.44
CA LEU H 55 23.11 -2.84 6.94
C LEU H 55 22.94 -1.71 5.93
N VAL H 56 22.55 -2.05 4.70
CA VAL H 56 22.37 -1.08 3.63
C VAL H 56 20.89 -0.99 3.31
N TYR H 57 20.37 0.24 3.25
CA TYR H 57 18.99 0.44 2.82
C TYR H 57 18.95 0.48 1.29
N LYS H 58 18.07 -0.35 0.70
CA LYS H 58 17.99 -0.42 -0.75
C LYS H 58 17.64 0.93 -1.37
N HIS H 59 16.84 1.75 -0.65
CA HIS H 59 16.46 3.05 -1.19
C HIS H 59 17.67 3.96 -1.43
N ALA H 60 18.82 3.65 -0.84
CA ALA H 60 20.06 4.40 -1.04
C ALA H 60 20.93 3.84 -2.16
N ILE H 61 20.56 2.70 -2.73
CA ILE H 61 21.40 2.03 -3.71
C ILE H 61 21.04 2.50 -5.11
N THR H 62 22.07 2.75 -5.93
CA THR H 62 21.82 2.89 -7.36
C THR H 62 21.99 1.57 -8.10
N THR H 63 23.13 0.90 -7.90
CA THR H 63 23.46 -0.30 -8.64
C THR H 63 24.18 -1.30 -7.75
N ILE H 64 24.05 -2.57 -8.10
CA ILE H 64 24.83 -3.65 -7.52
C ILE H 64 25.55 -4.36 -8.66
N VAL H 65 26.86 -4.47 -8.54
CA VAL H 65 27.70 -5.07 -9.59
C VAL H 65 28.43 -6.26 -9.01
N PRO H 66 28.12 -7.48 -9.45
CA PRO H 66 28.86 -8.64 -8.96
C PRO H 66 30.23 -8.72 -9.62
N HIS H 67 31.23 -9.11 -8.82
CA HIS H 67 32.59 -9.20 -9.33
C HIS H 67 32.82 -10.44 -10.19
N GLU H 68 32.01 -11.49 -10.03
CA GLU H 68 31.96 -12.63 -10.94
C GLU H 68 30.58 -12.68 -11.57
N ARG H 69 30.50 -13.26 -12.76
CA ARG H 69 29.23 -13.37 -13.45
C ARG H 69 28.27 -14.27 -12.67
N LEU H 70 27.05 -13.78 -12.45
CA LEU H 70 26.00 -14.58 -11.82
C LEU H 70 25.26 -15.37 -12.89
N GLU H 71 25.19 -16.68 -12.72
CA GLU H 71 24.39 -17.55 -13.59
C GLU H 71 22.98 -17.58 -13.01
N ILE H 72 22.20 -16.56 -13.37
CA ILE H 72 20.84 -16.41 -12.90
C ILE H 72 19.88 -17.27 -13.71
N SER I 2 14.95 -16.85 2.63
N SER I 2 12.23 -17.69 5.20
CA SER I 2 13.94 -16.32 3.54
CA SER I 2 10.94 -17.19 5.67
C SER I 2 12.92 -15.49 2.75
C SER I 2 10.27 -16.40 4.56
N HIS I 3 11.70 -15.37 3.27
N HIS I 3 11.09 -15.79 3.71
CA HIS I 3 10.62 -14.77 2.50
CA HIS I 3 10.64 -14.89 2.64
C HIS I 3 9.95 -13.57 3.16
C HIS I 3 9.94 -13.66 3.16
N MET I 4 10.08 -13.39 4.46
N MET I 4 10.02 -13.39 4.47
CA MET I 4 9.32 -12.31 5.10
CA MET I 4 9.28 -12.30 5.07
C MET I 4 10.01 -10.96 4.88
C MET I 4 9.99 -10.97 4.85
N PRO I 5 9.22 -9.89 4.69
CA PRO I 5 9.80 -8.62 4.20
C PRO I 5 10.70 -7.89 5.18
N TYR I 6 10.57 -8.10 6.49
CA TYR I 6 11.37 -7.35 7.45
C TYR I 6 12.26 -8.24 8.30
N LYS I 7 12.44 -9.50 7.91
CA LYS I 7 13.16 -10.44 8.77
C LYS I 7 14.56 -9.92 9.12
N LEU I 8 15.30 -9.44 8.12
CA LEU I 8 16.65 -8.97 8.37
C LEU I 8 16.64 -7.63 9.11
N GLN I 9 15.87 -6.68 8.60
CA GLN I 9 15.87 -5.34 9.20
C GLN I 9 15.44 -5.38 10.66
N GLU I 10 14.38 -6.14 10.96
CA GLU I 10 13.90 -6.24 12.35
C GLU I 10 14.95 -6.90 13.23
N SER I 11 15.58 -7.97 12.74
CA SER I 11 16.55 -8.69 13.55
C SER I 11 17.78 -7.82 13.83
N PHE I 12 18.29 -7.16 12.79
CA PHE I 12 19.45 -6.29 12.95
C PHE I 12 19.16 -5.19 13.97
N LEU I 13 18.06 -4.46 13.77
CA LEU I 13 17.73 -3.35 14.66
C LEU I 13 17.43 -3.82 16.08
N ASN I 14 16.68 -4.92 16.22
CA ASN I 14 16.35 -5.40 17.56
C ASN I 14 17.58 -5.90 18.29
N THR I 15 18.50 -6.56 17.58
CA THR I 15 19.72 -7.02 18.23
C THR I 15 20.59 -5.86 18.68
N ALA I 16 20.75 -4.84 17.82
CA ALA I 16 21.52 -3.67 18.22
C ALA I 16 20.87 -2.97 19.41
N ARG I 17 19.54 -2.86 19.41
CA ARG I 17 18.83 -2.21 20.51
C ARG I 17 18.97 -2.99 21.82
N LYS I 18 18.70 -4.30 21.77
N LYS I 18 18.71 -4.30 21.77
CA LYS I 18 18.71 -5.09 22.99
CA LYS I 18 18.66 -5.08 23.00
C LYS I 18 20.12 -5.18 23.58
C LYS I 18 20.06 -5.30 23.59
N LYS I 19 21.13 -5.32 22.73
N LYS I 19 21.10 -5.30 22.74
CA LYS I 19 22.50 -5.41 23.20
CA LYS I 19 22.46 -5.41 23.21
C LYS I 19 23.13 -4.05 23.47
C LYS I 19 23.11 -4.05 23.48
N ARG I 20 22.39 -2.97 23.23
CA ARG I 20 22.86 -1.61 23.49
C ARG I 20 24.23 -1.35 22.85
N VAL I 21 24.34 -1.75 21.58
CA VAL I 21 25.57 -1.65 20.81
C VAL I 21 25.59 -0.28 20.15
N LYS I 22 26.72 0.42 20.28
N LYS I 22 26.72 0.42 20.28
CA LYS I 22 26.87 1.69 19.59
CA LYS I 22 26.87 1.69 19.59
C LYS I 22 26.90 1.46 18.08
C LYS I 22 26.91 1.47 18.09
N VAL I 23 26.25 2.35 17.34
CA VAL I 23 26.22 2.27 15.89
C VAL I 23 26.59 3.60 15.28
N SER I 24 27.11 3.54 14.04
CA SER I 24 27.23 4.70 13.18
C SER I 24 26.11 4.63 12.15
N VAL I 25 25.38 5.73 11.99
CA VAL I 25 24.29 5.83 11.04
C VAL I 25 24.69 6.88 10.01
N TYR I 26 24.91 6.46 8.77
CA TYR I 26 25.29 7.36 7.70
C TYR I 26 24.04 7.83 6.96
N LEU I 27 24.00 9.12 6.66
CA LEU I 27 22.86 9.71 5.96
C LEU I 27 23.19 10.00 4.50
N VAL I 28 22.14 10.21 3.71
N VAL I 28 22.14 10.22 3.73
CA VAL I 28 22.30 10.44 2.29
CA VAL I 28 22.27 10.46 2.29
C VAL I 28 23.18 11.67 2.01
C VAL I 28 23.12 11.69 1.99
N ASN I 29 23.20 12.63 2.93
CA ASN I 29 23.95 13.85 2.75
C ASN I 29 25.37 13.78 3.33
N GLY I 30 25.84 12.58 3.69
CA GLY I 30 27.19 12.42 4.18
C GLY I 30 27.37 12.55 5.68
N VAL I 31 26.34 13.01 6.40
CA VAL I 31 26.44 13.14 7.85
C VAL I 31 26.52 11.75 8.48
N ARG I 32 27.37 11.61 9.50
CA ARG I 32 27.44 10.39 10.29
C ARG I 32 26.94 10.69 11.69
N LEU I 33 25.89 9.98 12.11
CA LEU I 33 25.39 10.03 13.46
C LEU I 33 25.94 8.85 14.24
N GLN I 34 26.13 9.03 15.54
CA GLN I 34 26.60 7.95 16.40
C GLN I 34 25.74 7.91 17.65
N GLY I 35 25.44 6.70 18.12
CA GLY I 35 24.71 6.54 19.36
C GLY I 35 24.20 5.12 19.46
N ARG I 36 23.34 4.88 20.45
CA ARG I 36 22.64 3.61 20.57
C ARG I 36 21.23 3.74 20.03
N ILE I 37 20.72 2.64 19.48
CA ILE I 37 19.34 2.57 19.03
C ILE I 37 18.48 2.33 20.27
N ARG I 38 17.81 3.38 20.75
CA ARG I 38 16.94 3.22 21.91
C ARG I 38 15.61 2.57 21.53
N SER I 39 15.10 2.88 20.35
CA SER I 39 13.82 2.39 19.89
C SER I 39 13.78 2.56 18.38
N PHE I 40 12.83 1.86 17.75
CA PHE I 40 12.64 2.01 16.32
C PHE I 40 11.23 1.55 15.97
N ASP I 41 10.74 2.03 14.83
CA ASP I 41 9.50 1.48 14.29
C ASP I 41 9.66 1.32 12.77
N LEU I 42 8.55 1.33 12.03
CA LEU I 42 8.67 1.01 10.61
C LEU I 42 9.52 2.02 9.86
N PHE I 43 9.36 3.31 10.16
CA PHE I 43 10.01 4.36 9.38
C PHE I 43 11.05 5.18 10.13
N THR I 44 11.21 5.00 11.45
CA THR I 44 12.09 5.86 12.22
C THR I 44 12.92 5.05 13.19
N ILE I 45 14.04 5.65 13.59
CA ILE I 45 14.95 5.11 14.61
C ILE I 45 15.24 6.24 15.59
N LEU I 46 15.18 5.94 16.89
CA LEU I 46 15.54 6.88 17.93
C LEU I 46 16.97 6.57 18.38
N LEU I 47 17.90 7.48 18.09
CA LEU I 47 19.27 7.36 18.56
C LEU I 47 19.45 8.14 19.85
N GLU I 48 20.23 7.58 20.76
N GLU I 48 20.24 7.57 20.76
CA GLU I 48 20.54 8.25 22.01
CA GLU I 48 20.55 8.21 22.03
C GLU I 48 22.05 8.23 22.22
C GLU I 48 22.05 8.23 22.22
N ASP I 49 22.59 9.39 22.59
CA ASP I 49 24.03 9.56 22.81
C ASP I 49 24.12 10.44 24.05
N GLY I 50 24.40 9.83 25.19
CA GLY I 50 24.36 10.57 26.44
C GLY I 50 22.94 11.02 26.73
N LYS I 51 22.79 12.31 26.98
CA LYS I 51 21.49 12.90 27.29
C LYS I 51 20.73 13.37 26.05
N GLN I 52 21.28 13.20 24.85
CA GLN I 52 20.68 13.74 23.64
C GLN I 52 19.98 12.65 22.84
N GLN I 53 18.73 12.93 22.45
CA GLN I 53 17.94 12.05 21.59
C GLN I 53 17.85 12.67 20.20
N THR I 54 17.84 11.81 19.19
CA THR I 54 17.63 12.22 17.81
C THR I 54 16.70 11.23 17.15
N LEU I 55 15.60 11.72 16.57
CA LEU I 55 14.73 10.89 15.75
C LEU I 55 15.29 10.93 14.33
N VAL I 56 15.60 9.75 13.78
CA VAL I 56 16.17 9.63 12.44
C VAL I 56 15.14 8.97 11.53
N TYR I 57 14.88 9.57 10.38
CA TYR I 57 14.03 8.94 9.38
C TYR I 57 14.83 7.94 8.56
N LYS I 58 14.33 6.70 8.49
CA LYS I 58 15.04 5.67 7.74
C LYS I 58 15.27 6.05 6.29
N HIS I 59 14.31 6.76 5.67
CA HIS I 59 14.46 7.15 4.27
C HIS I 59 15.70 8.02 4.02
N ALA I 60 16.25 8.63 5.07
CA ALA I 60 17.47 9.42 4.96
C ALA I 60 18.74 8.63 5.25
N ILE I 61 18.63 7.38 5.67
CA ILE I 61 19.79 6.57 6.03
C ILE I 61 20.32 5.87 4.79
N THR I 62 21.65 5.82 4.65
CA THR I 62 22.26 4.93 3.67
C THR I 62 22.67 3.60 4.30
N THR I 63 23.46 3.66 5.37
CA THR I 63 24.00 2.46 6.00
C THR I 63 24.02 2.63 7.52
N ILE I 64 23.95 1.50 8.21
CA ILE I 64 24.16 1.43 9.65
C ILE I 64 25.30 0.45 9.91
N VAL I 65 26.30 0.90 10.64
CA VAL I 65 27.50 0.10 10.91
C VAL I 65 27.62 -0.09 12.42
N PRO I 66 27.43 -1.31 12.93
CA PRO I 66 27.57 -1.52 14.37
C PRO I 66 29.04 -1.52 14.77
N HIS I 67 29.29 -0.99 15.98
CA HIS I 67 30.65 -0.91 16.52
C HIS I 67 31.08 -2.20 17.21
N GLU I 68 30.16 -3.14 17.42
CA GLU I 68 30.49 -4.50 17.85
C GLU I 68 29.76 -5.46 16.93
N ARG I 69 30.30 -6.66 16.78
CA ARG I 69 29.66 -7.63 15.91
C ARG I 69 28.33 -8.07 16.51
N LEU I 70 27.28 -8.00 15.70
CA LEU I 70 25.96 -8.47 16.10
C LEU I 70 25.86 -9.95 15.76
N GLU I 71 25.65 -10.78 16.77
CA GLU I 71 25.60 -12.22 16.58
C GLU I 71 24.19 -12.65 16.14
N ILE I 72 23.76 -12.08 15.02
CA ILE I 72 22.46 -12.37 14.45
C ILE I 72 22.37 -13.82 14.01
N SER J 2 8.90 -3.92 20.12
N SER J 2 5.33 -3.71 20.97
CA SER J 2 7.51 -3.62 19.79
CA SER J 2 4.03 -3.56 20.33
C SER J 2 7.23 -3.97 18.34
C SER J 2 4.06 -4.04 18.89
N HIS J 3 5.97 -3.82 17.92
N HIS J 3 5.24 -3.93 18.27
CA HIS J 3 5.55 -4.30 16.61
CA HIS J 3 5.49 -4.26 16.87
C HIS J 3 4.74 -3.31 15.79
C HIS J 3 4.74 -3.34 15.90
N MET J 4 4.15 -2.26 16.39
CA MET J 4 3.31 -1.42 15.57
C MET J 4 4.13 -0.39 14.79
N PRO J 5 3.70 -0.06 13.58
CA PRO J 5 4.59 0.63 12.64
C PRO J 5 4.89 2.08 12.97
N TYR J 6 4.03 2.76 13.73
CA TYR J 6 4.24 4.17 14.02
C TYR J 6 4.37 4.44 15.51
N LYS J 7 4.57 3.40 16.32
N LYS J 7 4.62 3.41 16.32
CA LYS J 7 4.57 3.60 17.77
CA LYS J 7 4.56 3.57 17.76
C LYS J 7 5.60 4.64 18.18
C LYS J 7 5.65 4.52 18.29
N LEU J 8 6.82 4.56 17.63
CA LEU J 8 7.86 5.51 18.05
C LEU J 8 7.62 6.88 17.44
N GLN J 9 7.38 6.93 16.14
CA GLN J 9 7.22 8.22 15.48
C GLN J 9 6.05 9.00 16.05
N GLU J 10 4.91 8.33 16.27
CA GLU J 10 3.75 9.01 16.82
C GLU J 10 4.03 9.51 18.23
N SER J 11 4.67 8.69 19.06
N SER J 11 4.67 8.69 19.06
CA SER J 11 4.94 9.08 20.44
CA SER J 11 4.94 9.09 20.44
C SER J 11 5.92 10.25 20.50
C SER J 11 5.91 10.26 20.49
N PHE J 12 6.97 10.21 19.68
CA PHE J 12 7.94 11.30 19.66
C PHE J 12 7.29 12.61 19.23
N LEU J 13 6.56 12.57 18.11
CA LEU J 13 5.94 13.79 17.60
C LEU J 13 4.87 14.31 18.55
N ASN J 14 4.03 13.43 19.07
N ASN J 14 4.03 13.42 19.08
CA ASN J 14 2.97 13.87 19.98
CA ASN J 14 2.97 13.85 19.98
C ASN J 14 3.55 14.46 21.26
C ASN J 14 3.53 14.44 21.27
N THR J 15 4.62 13.86 21.79
CA THR J 15 5.22 14.40 23.01
C THR J 15 5.82 15.78 22.77
N ALA J 16 6.54 15.94 21.66
CA ALA J 16 7.09 17.26 21.34
C ALA J 16 5.98 18.27 21.14
N ARG J 17 4.90 17.87 20.48
CA ARG J 17 3.79 18.79 20.23
C ARG J 17 3.11 19.19 21.53
N LYS J 18 2.73 18.21 22.36
N LYS J 18 2.73 18.20 22.36
CA LYS J 18 1.99 18.53 23.58
CA LYS J 18 1.95 18.47 23.56
C LYS J 18 2.83 19.35 24.54
C LYS J 18 2.76 19.25 24.59
N LYS J 19 4.10 19.01 24.69
N LYS J 19 4.07 19.05 24.64
CA LYS J 19 4.99 19.75 25.59
CA LYS J 19 4.93 19.74 25.57
C LYS J 19 5.49 21.07 25.00
C LYS J 19 5.52 21.02 24.98
N ARG J 20 5.16 21.36 23.74
CA ARG J 20 5.58 22.60 23.10
C ARG J 20 7.09 22.80 23.17
N VAL J 21 7.82 21.72 22.89
CA VAL J 21 9.27 21.72 22.95
C VAL J 21 9.81 22.21 21.61
N LYS J 22 10.75 23.15 21.65
N LYS J 22 10.75 23.16 21.66
CA LYS J 22 11.40 23.60 20.43
CA LYS J 22 11.41 23.58 20.44
C LYS J 22 12.26 22.48 19.86
C LYS J 22 12.23 22.44 19.87
N VAL J 23 12.18 22.29 18.55
CA VAL J 23 12.94 21.26 17.87
C VAL J 23 13.79 21.87 16.76
N SER J 24 14.88 21.19 16.44
CA SER J 24 15.58 21.44 15.19
C SER J 24 15.21 20.32 14.21
N VAL J 25 14.82 20.71 13.00
CA VAL J 25 14.45 19.76 11.96
C VAL J 25 15.48 19.91 10.84
N TYR J 26 16.26 18.87 10.61
CA TYR J 26 17.32 18.91 9.60
C TYR J 26 16.80 18.28 8.32
N LEU J 27 17.12 18.89 7.19
CA LEU J 27 16.60 18.46 5.91
C LEU J 27 17.69 17.77 5.08
N VAL J 28 17.25 17.00 4.09
CA VAL J 28 18.16 16.21 3.26
C VAL J 28 19.15 17.11 2.53
N ASN J 29 18.80 18.37 2.28
CA ASN J 29 19.67 19.29 1.56
C ASN J 29 20.50 20.15 2.49
N GLY J 30 20.58 19.81 3.78
CA GLY J 30 21.45 20.50 4.71
C GLY J 30 20.82 21.66 5.47
N VAL J 31 19.58 22.05 5.13
CA VAL J 31 18.93 23.16 5.81
C VAL J 31 18.49 22.71 7.20
N ARG J 32 18.59 23.61 8.17
CA ARG J 32 18.10 23.37 9.52
C ARG J 32 16.94 24.31 9.80
N LEU J 33 15.78 23.74 10.11
CA LEU J 33 14.62 24.52 10.54
C LEU J 33 14.52 24.45 12.05
N GLN J 34 13.91 25.48 12.65
CA GLN J 34 13.67 25.50 14.09
C GLN J 34 12.28 26.02 14.38
N GLY J 35 11.64 25.42 15.38
CA GLY J 35 10.34 25.88 15.83
C GLY J 35 9.69 24.84 16.71
N ARG J 36 8.41 25.04 16.96
CA ARG J 36 7.60 24.06 17.68
C ARG J 36 6.75 23.30 16.68
N ILE J 37 6.52 22.03 16.98
CA ILE J 37 5.61 21.20 16.19
C ILE J 37 4.19 21.57 16.63
N ARG J 38 3.49 22.33 15.78
CA ARG J 38 2.11 22.72 16.09
C ARG J 38 1.13 21.61 15.78
N SER J 39 1.40 20.84 14.73
CA SER J 39 0.53 19.77 14.29
C SER J 39 1.35 18.85 13.41
N PHE J 40 0.84 17.63 13.19
CA PHE J 40 1.48 16.71 12.26
C PHE J 40 0.45 15.68 11.81
N ASP J 41 0.74 15.05 10.68
CA ASP J 41 -0.05 13.91 10.21
C ASP J 41 0.91 12.89 9.63
N LEU J 42 0.42 12.01 8.75
CA LEU J 42 1.25 10.90 8.31
C LEU J 42 2.48 11.37 7.56
N PHE J 43 2.33 12.37 6.68
CA PHE J 43 3.43 12.77 5.82
C PHE J 43 3.96 14.18 6.06
N THR J 44 3.34 14.98 6.93
CA THR J 44 3.76 16.36 7.09
C THR J 44 3.82 16.75 8.56
N ILE J 45 4.59 17.79 8.82
CA ILE J 45 4.68 18.43 10.13
C ILE J 45 4.50 19.93 9.93
N LEU J 46 3.72 20.56 10.80
CA LEU J 46 3.56 22.01 10.80
C LEU J 46 4.47 22.59 11.88
N LEU J 47 5.50 23.32 11.47
CA LEU J 47 6.38 24.03 12.37
C LEU J 47 5.94 25.48 12.53
N GLU J 48 6.00 25.97 13.75
CA GLU J 48 5.70 27.37 14.02
C GLU J 48 6.85 27.99 14.79
N ASP J 49 7.28 29.17 14.34
CA ASP J 49 8.29 29.95 15.05
C ASP J 49 7.74 31.37 15.06
N GLY J 50 7.22 31.79 16.21
CA GLY J 50 6.57 33.08 16.29
C GLY J 50 5.32 33.08 15.44
N LYS J 51 5.25 34.03 14.51
CA LYS J 51 4.11 34.20 13.62
C LYS J 51 4.22 33.36 12.35
N GLN J 52 5.38 32.79 12.05
N GLN J 52 5.37 32.77 12.10
CA GLN J 52 5.57 32.12 10.77
CA GLN J 52 5.66 32.06 10.85
C GLN J 52 5.29 30.63 10.87
C GLN J 52 5.21 30.61 10.95
N GLN J 53 4.46 30.14 9.96
CA GLN J 53 4.14 28.73 9.82
C GLN J 53 4.91 28.16 8.64
N THR J 54 5.33 26.92 8.77
CA THR J 54 6.00 26.19 7.68
C THR J 54 5.47 24.77 7.67
N LEU J 55 4.92 24.34 6.53
CA LEU J 55 4.58 22.93 6.35
C LEU J 55 5.83 22.23 5.84
N VAL J 56 6.28 21.20 6.58
CA VAL J 56 7.46 20.43 6.22
C VAL J 56 7.02 19.03 5.80
N TYR J 57 7.53 18.57 4.66
CA TYR J 57 7.29 17.19 4.23
C TYR J 57 8.28 16.26 4.91
N LYS J 58 7.76 15.20 5.56
CA LYS J 58 8.64 14.28 6.28
C LYS J 58 9.67 13.63 5.36
N HIS J 59 9.31 13.41 4.08
CA HIS J 59 10.25 12.79 3.14
C HIS J 59 11.51 13.64 2.94
N ALA J 60 11.46 14.92 3.31
CA ALA J 60 12.62 15.81 3.20
C ALA J 60 13.44 15.91 4.48
N ILE J 61 12.98 15.27 5.56
CA ILE J 61 13.63 15.38 6.86
C ILE J 61 14.67 14.27 7.00
N THR J 62 15.84 14.61 7.53
CA THR J 62 16.76 13.58 7.99
C THR J 62 16.56 13.26 9.46
N THR J 63 16.61 14.29 10.31
CA THR J 63 16.53 14.09 11.76
C THR J 63 15.72 15.20 12.41
N ILE J 64 15.14 14.89 13.56
CA ILE J 64 14.51 15.86 14.43
C ILE J 64 15.19 15.78 15.78
N VAL J 65 15.70 16.91 16.27
CA VAL J 65 16.47 16.95 17.52
C VAL J 65 15.74 17.88 18.48
N PRO J 66 15.17 17.36 19.55
CA PRO J 66 14.46 18.22 20.51
C PRO J 66 15.44 19.01 21.36
N HIS J 67 15.05 20.25 21.68
CA HIS J 67 15.90 21.12 22.49
C HIS J 67 15.76 20.87 23.98
N GLU J 68 14.75 20.10 24.40
CA GLU J 68 14.63 19.58 25.76
C GLU J 68 14.44 18.08 25.66
N ARG J 69 14.85 17.35 26.69
CA ARG J 69 14.69 15.91 26.67
C ARG J 69 13.22 15.54 26.72
N LEU J 70 12.79 14.70 25.79
CA LEU J 70 11.42 14.22 25.75
C LEU J 70 11.32 12.96 26.61
N GLU J 71 10.49 13.02 27.65
CA GLU J 71 10.22 11.86 28.49
C GLU J 71 9.16 11.03 27.77
N ILE J 72 9.61 10.29 26.77
CA ILE J 72 8.73 9.49 25.93
C ILE J 72 8.19 8.28 26.70
N SER K 2 -4.73 13.89 17.03
N SER K 2 -7.36 13.62 15.48
CA SER K 2 -5.39 13.57 15.76
CA SER K 2 -8.26 12.81 14.67
C SER K 2 -4.83 12.26 15.21
C SER K 2 -7.59 11.53 14.23
N HIS K 3 -5.65 11.55 14.42
N HIS K 3 -6.26 11.48 14.38
CA HIS K 3 -5.26 10.24 13.93
CA HIS K 3 -5.40 10.37 14.00
C HIS K 3 -5.34 10.07 12.42
C HIS K 3 -5.39 10.11 12.48
N MET K 4 -6.04 10.95 11.70
CA MET K 4 -6.20 10.70 10.27
C MET K 4 -4.96 11.15 9.49
N PRO K 5 -4.61 10.43 8.42
CA PRO K 5 -3.26 10.58 7.84
C PRO K 5 -3.03 11.86 7.06
N TYR K 6 -4.09 12.52 6.57
CA TYR K 6 -3.93 13.73 5.76
C TYR K 6 -4.62 14.94 6.38
N LYS K 7 -4.95 14.87 7.67
N LYS K 7 -5.01 14.86 7.65
CA LYS K 7 -5.78 15.92 8.29
CA LYS K 7 -5.77 15.93 8.29
C LYS K 7 -5.07 17.27 8.29
C LYS K 7 -5.03 17.26 8.15
N LEU K 8 -3.76 17.29 8.50
CA LEU K 8 -3.01 18.55 8.45
C LEU K 8 -2.73 18.97 7.01
N GLN K 9 -2.20 18.06 6.21
CA GLN K 9 -1.82 18.42 4.86
C GLN K 9 -3.01 18.92 4.05
N GLU K 10 -4.15 18.22 4.13
CA GLU K 10 -5.35 18.64 3.40
C GLU K 10 -5.84 20.00 3.88
N SER K 11 -5.85 20.23 5.19
N SER K 11 -5.84 20.24 5.19
CA SER K 11 -6.35 21.50 5.71
CA SER K 11 -6.35 21.51 5.71
C SER K 11 -5.43 22.66 5.32
C SER K 11 -5.42 22.67 5.35
N PHE K 12 -4.11 22.44 5.40
CA PHE K 12 -3.17 23.50 5.03
C PHE K 12 -3.32 23.86 3.57
N LEU K 13 -3.30 22.85 2.68
CA LEU K 13 -3.38 23.11 1.25
C LEU K 13 -4.74 23.69 0.85
N ASN K 14 -5.83 23.16 1.42
CA ASN K 14 -7.15 23.68 1.08
C ASN K 14 -7.32 25.12 1.55
N THR K 15 -6.80 25.45 2.73
CA THR K 15 -6.93 26.81 3.23
C THR K 15 -6.12 27.78 2.37
N ALA K 16 -4.88 27.42 2.04
CA ALA K 16 -4.09 28.25 1.14
C ALA K 16 -4.78 28.41 -0.21
N ARG K 17 -5.38 27.33 -0.72
CA ARG K 17 -6.04 27.40 -2.02
C ARG K 17 -7.28 28.28 -1.96
N LYS K 18 -8.16 28.04 -0.97
CA LYS K 18 -9.42 28.78 -0.93
C LYS K 18 -9.21 30.26 -0.64
N LYS K 19 -8.20 30.60 0.16
N LYS K 19 -8.20 30.59 0.15
CA LYS K 19 -7.91 31.99 0.49
CA LYS K 19 -7.91 31.99 0.48
C LYS K 19 -7.02 32.67 -0.54
C LYS K 19 -6.97 32.65 -0.50
N ARG K 20 -6.53 31.93 -1.54
CA ARG K 20 -5.69 32.49 -2.60
C ARG K 20 -4.47 33.18 -2.02
N VAL K 21 -3.83 32.52 -1.05
CA VAL K 21 -2.66 33.04 -0.37
C VAL K 21 -1.42 32.67 -1.16
N LYS K 22 -0.57 33.66 -1.43
CA LYS K 22 0.70 33.39 -2.10
C LYS K 22 1.58 32.54 -1.19
N VAL K 23 2.24 31.54 -1.78
CA VAL K 23 3.14 30.68 -1.03
C VAL K 23 4.51 30.64 -1.69
N SER K 24 5.51 30.34 -0.87
CA SER K 24 6.82 29.92 -1.34
C SER K 24 6.93 28.40 -1.16
N VAL K 25 7.29 27.71 -2.24
CA VAL K 25 7.47 26.27 -2.23
C VAL K 25 8.96 26.00 -2.46
N TYR K 26 9.62 25.45 -1.45
CA TYR K 26 11.04 25.15 -1.53
C TYR K 26 11.24 23.70 -1.94
N LEU K 27 12.15 23.48 -2.87
CA LEU K 27 12.40 22.15 -3.41
C LEU K 27 13.70 21.57 -2.86
N VAL K 28 13.84 20.25 -2.97
CA VAL K 28 14.99 19.52 -2.43
C VAL K 28 16.30 19.99 -3.05
N ASN K 29 16.26 20.49 -4.29
CA ASN K 29 17.47 20.95 -4.97
C ASN K 29 17.78 22.41 -4.75
N GLY K 30 17.08 23.08 -3.83
CA GLY K 30 17.37 24.46 -3.51
C GLY K 30 16.56 25.49 -4.26
N VAL K 31 15.71 25.07 -5.20
CA VAL K 31 14.89 26.01 -5.94
C VAL K 31 13.73 26.48 -5.07
N ARG K 32 13.39 27.77 -5.18
CA ARG K 32 12.20 28.32 -4.54
C ARG K 32 11.20 28.72 -5.61
N LEU K 33 9.99 28.16 -5.55
CA LEU K 33 8.91 28.56 -6.42
C LEU K 33 7.96 29.48 -5.65
N GLN K 34 7.29 30.38 -6.37
CA GLN K 34 6.29 31.24 -5.74
C GLN K 34 5.03 31.28 -6.60
N GLY K 35 3.88 31.31 -5.92
CA GLY K 35 2.62 31.47 -6.61
C GLY K 35 1.47 31.13 -5.67
N ARG K 36 0.30 30.98 -6.26
CA ARG K 36 -0.87 30.52 -5.52
C ARG K 36 -1.13 29.07 -5.86
N ILE K 37 -1.65 28.33 -4.88
CA ILE K 37 -2.08 26.96 -5.11
C ILE K 37 -3.45 27.00 -5.76
N ARG K 38 -3.49 26.67 -7.05
CA ARG K 38 -4.76 26.64 -7.77
C ARG K 38 -5.51 25.34 -7.51
N SER K 39 -4.77 24.25 -7.38
CA SER K 39 -5.34 22.92 -7.21
C SER K 39 -4.27 22.02 -6.62
N PHE K 40 -4.71 20.89 -6.08
CA PHE K 40 -3.77 19.88 -5.60
C PHE K 40 -4.49 18.55 -5.49
N ASP K 41 -3.69 17.48 -5.47
CA ASP K 41 -4.22 16.13 -5.24
C ASP K 41 -3.23 15.38 -4.36
N LEU K 42 -3.27 14.05 -4.38
CA LEU K 42 -2.44 13.29 -3.45
C LEU K 42 -0.96 13.57 -3.64
N PHE K 43 -0.47 13.59 -4.89
CA PHE K 43 0.95 13.70 -5.12
C PHE K 43 1.42 14.99 -5.77
N THR K 44 0.51 15.89 -6.19
CA THR K 44 0.94 17.07 -6.94
C THR K 44 0.20 18.30 -6.46
N ILE K 45 0.80 19.45 -6.77
CA ILE K 45 0.22 20.76 -6.52
C ILE K 45 0.35 21.57 -7.81
N LEU K 46 -0.71 22.30 -8.16
CA LEU K 46 -0.67 23.19 -9.32
C LEU K 46 -0.47 24.60 -8.82
N LEU K 47 0.70 25.17 -9.11
CA LEU K 47 1.00 26.55 -8.75
C LEU K 47 0.71 27.45 -9.95
N GLU K 48 0.13 28.61 -9.67
CA GLU K 48 -0.11 29.62 -10.69
C GLU K 48 0.52 30.94 -10.25
N ASP K 49 1.27 31.55 -11.16
CA ASP K 49 1.86 32.86 -10.94
C ASP K 49 1.46 33.64 -12.19
N GLY K 50 0.44 34.47 -12.05
CA GLY K 50 -0.12 35.17 -13.19
C GLY K 50 -0.54 34.25 -14.30
N LYS K 51 0.21 34.31 -15.41
CA LYS K 51 -0.14 33.56 -16.61
C LYS K 51 0.36 32.12 -16.58
N GLN K 52 1.38 31.81 -15.80
CA GLN K 52 2.08 30.53 -15.92
C GLN K 52 1.58 29.52 -14.89
N GLN K 53 1.33 28.31 -15.36
CA GLN K 53 1.03 27.16 -14.50
C GLN K 53 2.29 26.32 -14.36
N THR K 54 2.47 25.74 -13.17
CA THR K 54 3.54 24.79 -12.90
C THR K 54 2.95 23.65 -12.09
N LEU K 55 3.12 22.41 -12.58
CA LEU K 55 2.77 21.23 -11.80
C LEU K 55 4.00 20.86 -10.97
N VAL K 56 3.84 20.81 -9.66
CA VAL K 56 4.92 20.49 -8.73
C VAL K 56 4.62 19.12 -8.12
N TYR K 57 5.61 18.23 -8.15
CA TYR K 57 5.49 16.96 -7.45
C TYR K 57 5.84 17.15 -5.99
N LYS K 58 4.94 16.72 -5.10
CA LYS K 58 5.18 16.89 -3.67
C LYS K 58 6.46 16.20 -3.22
N HIS K 59 6.84 15.07 -3.86
CA HIS K 59 8.05 14.37 -3.45
C HIS K 59 9.30 15.23 -3.60
N ALA K 60 9.22 16.30 -4.40
CA ALA K 60 10.33 17.22 -4.61
C ALA K 60 10.31 18.42 -3.66
N ILE K 61 9.24 18.56 -2.86
CA ILE K 61 9.09 19.71 -1.96
C ILE K 61 9.76 19.42 -0.63
N THR K 62 10.46 20.41 -0.08
CA THR K 62 10.85 20.32 1.32
C THR K 62 9.83 21.02 2.22
N THR K 63 9.54 22.29 1.93
CA THR K 63 8.67 23.08 2.77
C THR K 63 7.78 23.97 1.93
N ILE K 64 6.62 24.33 2.48
CA ILE K 64 5.73 25.34 1.93
C ILE K 64 5.54 26.41 2.98
N VAL K 65 5.81 27.66 2.62
CA VAL K 65 5.75 28.79 3.53
C VAL K 65 4.71 29.78 3.02
N PRO K 66 3.59 29.95 3.72
CA PRO K 66 2.58 30.90 3.26
C PRO K 66 3.00 32.34 3.55
N HIS K 67 2.66 33.24 2.64
CA HIS K 67 2.99 34.66 2.78
C HIS K 67 2.01 35.41 3.66
N GLU K 68 0.87 34.81 4.00
CA GLU K 68 -0.05 35.31 5.01
C GLU K 68 -0.31 34.17 5.98
N ARG K 69 -0.65 34.52 7.22
CA ARG K 69 -0.92 33.47 8.19
C ARG K 69 -2.19 32.72 7.81
N LEU K 70 -2.11 31.40 7.80
CA LEU K 70 -3.27 30.56 7.58
C LEU K 70 -3.93 30.25 8.91
N GLU K 71 -5.15 30.72 9.09
CA GLU K 71 -5.93 30.39 10.28
C GLU K 71 -6.55 29.02 10.02
N ILE K 72 -5.78 27.98 10.34
CA ILE K 72 -6.19 26.60 10.07
C ILE K 72 -7.16 26.08 11.13
N SER L 2 -11.76 19.07 -3.74
N SER L 2 -14.61 16.28 -5.21
CA SER L 2 -11.69 17.81 -4.48
CA SER L 2 -13.90 15.15 -5.78
C SER L 2 -11.10 16.73 -3.57
C SER L 2 -13.13 14.39 -4.72
N HIS L 3 -11.43 15.47 -3.87
N HIS L 3 -12.09 15.03 -4.17
CA HIS L 3 -11.05 14.38 -2.99
CA HIS L 3 -11.20 14.47 -3.16
C HIS L 3 -10.29 13.23 -3.65
C HIS L 3 -10.35 13.32 -3.68
N MET L 4 -10.35 13.09 -4.99
CA MET L 4 -9.71 11.92 -5.57
C MET L 4 -8.20 12.12 -5.77
N PRO L 5 -7.42 11.06 -5.61
CA PRO L 5 -5.96 11.23 -5.43
C PRO L 5 -5.20 11.66 -6.67
N TYR L 6 -5.73 11.42 -7.87
CA TYR L 6 -5.01 11.77 -9.08
C TYR L 6 -5.79 12.75 -9.96
N LYS L 7 -6.82 13.41 -9.41
N LYS L 7 -6.84 13.38 -9.41
CA LYS L 7 -7.68 14.21 -10.26
CA LYS L 7 -7.69 14.25 -10.20
C LYS L 7 -6.93 15.37 -10.91
C LYS L 7 -6.89 15.32 -10.92
N LEU L 8 -5.95 15.94 -10.22
CA LEU L 8 -5.15 17.01 -10.84
C LEU L 8 -4.08 16.45 -11.77
N GLN L 9 -3.29 15.50 -11.28
CA GLN L 9 -2.18 14.99 -12.07
C GLN L 9 -2.67 14.35 -13.36
N GLU L 10 -3.74 13.56 -13.29
CA GLU L 10 -4.28 12.94 -14.50
C GLU L 10 -4.79 13.98 -15.48
N SER L 11 -5.50 15.01 -14.99
CA SER L 11 -6.05 16.02 -15.90
C SER L 11 -4.95 16.84 -16.56
N PHE L 12 -3.95 17.25 -15.77
CA PHE L 12 -2.82 18.01 -16.32
C PHE L 12 -2.11 17.21 -17.40
N LEU L 13 -1.72 15.97 -17.07
CA LEU L 13 -0.96 15.17 -18.02
C LEU L 13 -1.78 14.79 -19.25
N ASN L 14 -3.06 14.46 -19.05
CA ASN L 14 -3.89 14.10 -20.21
C ASN L 14 -4.15 15.30 -21.10
N THR L 15 -4.32 16.49 -20.51
CA THR L 15 -4.53 17.67 -21.34
C THR L 15 -3.29 18.03 -22.13
N ALA L 16 -2.12 18.02 -21.50
CA ALA L 16 -0.88 18.25 -22.23
C ALA L 16 -0.68 17.21 -23.34
N ARG L 17 -1.01 15.95 -23.06
CA ARG L 17 -0.83 14.90 -24.06
C ARG L 17 -1.79 15.08 -25.24
N LYS L 18 -3.09 15.20 -24.97
N LYS L 18 -3.09 15.24 -24.96
CA LYS L 18 -4.08 15.30 -26.03
CA LYS L 18 -4.08 15.28 -26.04
C LYS L 18 -3.85 16.53 -26.89
C LYS L 18 -3.97 16.55 -26.87
N LYS L 19 -3.52 17.65 -26.28
CA LYS L 19 -3.32 18.91 -27.01
C LYS L 19 -1.91 19.03 -27.57
N ARG L 20 -1.06 18.03 -27.37
CA ARG L 20 0.29 17.99 -27.92
C ARG L 20 1.06 19.29 -27.61
N VAL L 21 0.97 19.70 -26.35
CA VAL L 21 1.61 20.91 -25.87
C VAL L 21 3.04 20.59 -25.48
N LYS L 22 3.98 21.41 -25.94
N LYS L 22 3.98 21.39 -25.97
CA LYS L 22 5.36 21.24 -25.53
CA LYS L 22 5.35 21.26 -25.52
C LYS L 22 5.53 21.63 -24.06
C LYS L 22 5.45 21.58 -24.04
N VAL L 23 6.26 20.81 -23.32
CA VAL L 23 6.48 21.04 -21.90
C VAL L 23 7.97 21.08 -21.61
N SER L 24 8.31 21.75 -20.50
CA SER L 24 9.62 21.63 -19.88
C SER L 24 9.47 20.78 -18.63
N VAL L 25 10.33 19.77 -18.51
CA VAL L 25 10.32 18.86 -17.37
C VAL L 25 11.64 19.07 -16.63
N TYR L 26 11.56 19.57 -15.40
CA TYR L 26 12.75 19.82 -14.60
C TYR L 26 12.96 18.64 -13.67
N LEU L 27 14.22 18.22 -13.54
CA LEU L 27 14.56 17.05 -12.73
C LEU L 27 15.22 17.47 -11.43
N VAL L 28 15.23 16.53 -10.47
CA VAL L 28 15.80 16.80 -9.14
C VAL L 28 17.27 17.19 -9.23
N ASN L 29 17.97 16.75 -10.26
CA ASN L 29 19.41 17.00 -10.38
C ASN L 29 19.75 18.22 -11.22
N GLY L 30 18.76 19.02 -11.59
CA GLY L 30 18.99 20.27 -12.30
C GLY L 30 18.85 20.17 -13.81
N VAL L 31 18.67 18.96 -14.34
CA VAL L 31 18.46 18.77 -15.77
C VAL L 31 17.10 19.34 -16.16
N ARG L 32 17.03 19.95 -17.34
CA ARG L 32 15.75 20.28 -17.96
C ARG L 32 15.59 19.46 -19.23
N LEU L 33 14.45 18.78 -19.35
CA LEU L 33 14.06 18.09 -20.57
C LEU L 33 12.94 18.88 -21.24
N GLN L 34 12.85 18.80 -22.57
CA GLN L 34 11.75 19.43 -23.28
C GLN L 34 11.20 18.47 -24.32
N GLY L 35 9.90 18.53 -24.54
CA GLY L 35 9.26 17.74 -25.57
C GLY L 35 7.77 17.72 -25.37
N ARG L 36 7.12 16.81 -26.09
CA ARG L 36 5.71 16.54 -25.86
C ARG L 36 5.54 15.26 -25.06
N ILE L 37 4.49 15.23 -24.26
CA ILE L 37 4.13 14.03 -23.52
C ILE L 37 3.38 13.12 -24.48
N ARG L 38 4.04 12.05 -24.93
CA ARG L 38 3.41 11.13 -25.87
C ARG L 38 2.49 10.15 -25.14
N SER L 39 2.89 9.73 -23.94
CA SER L 39 2.15 8.79 -23.13
C SER L 39 2.59 8.95 -21.68
N PHE L 40 1.80 8.41 -20.77
CA PHE L 40 2.17 8.41 -19.36
C PHE L 40 1.39 7.32 -18.65
N ASP L 41 1.90 6.93 -17.48
CA ASP L 41 1.19 5.99 -16.62
C ASP L 41 1.43 6.45 -15.18
N LEU L 42 1.26 5.54 -14.22
CA LEU L 42 1.31 5.95 -12.81
C LEU L 42 2.67 6.52 -12.43
N PHE L 43 3.76 5.89 -12.89
CA PHE L 43 5.10 6.27 -12.46
C PHE L 43 5.99 6.84 -13.54
N THR L 44 5.58 6.84 -14.81
CA THR L 44 6.49 7.28 -15.87
C THR L 44 5.76 8.18 -16.87
N ILE L 45 6.57 8.94 -17.61
CA ILE L 45 6.10 9.79 -18.71
C ILE L 45 7.02 9.52 -19.89
N LEU L 46 6.45 9.40 -21.08
CA LEU L 46 7.22 9.24 -22.30
C LEU L 46 7.27 10.60 -23.00
N LEU L 47 8.44 11.21 -22.98
N LEU L 47 8.47 11.17 -23.09
CA LEU L 47 8.67 12.46 -23.70
CA LEU L 47 8.67 12.50 -23.66
C LEU L 47 9.14 12.14 -25.11
C LEU L 47 9.34 12.37 -25.03
N GLU L 48 8.70 12.95 -26.05
CA GLU L 48 9.19 12.87 -27.42
C GLU L 48 9.55 14.25 -27.93
N ASP L 49 10.73 14.37 -28.52
CA ASP L 49 11.17 15.61 -29.16
C ASP L 49 11.74 15.19 -30.49
N GLY L 50 11.03 15.52 -31.57
CA GLY L 50 11.44 15.09 -32.89
C GLY L 50 11.53 13.57 -32.93
N LYS L 51 12.72 13.08 -33.24
CA LYS L 51 12.96 11.65 -33.42
C LYS L 51 13.19 10.90 -32.10
N GLN L 52 13.50 11.60 -31.02
CA GLN L 52 13.98 10.94 -29.81
C GLN L 52 12.88 10.74 -28.78
N GLN L 53 12.89 9.55 -28.18
CA GLN L 53 12.00 9.19 -27.08
C GLN L 53 12.82 9.11 -25.80
N THR L 54 12.24 9.56 -24.70
CA THR L 54 12.86 9.43 -23.40
C THR L 54 11.80 8.99 -22.40
N LEU L 55 12.06 7.89 -21.70
CA LEU L 55 11.20 7.49 -20.59
C LEU L 55 11.68 8.22 -19.34
N VAL L 56 10.81 9.02 -18.73
CA VAL L 56 11.15 9.79 -17.54
C VAL L 56 10.40 9.19 -16.35
N TYR L 57 11.14 8.89 -15.28
CA TYR L 57 10.50 8.47 -14.03
C TYR L 57 10.00 9.69 -13.26
N LYS L 58 8.72 9.66 -12.89
CA LYS L 58 8.14 10.79 -12.18
C LYS L 58 8.87 11.10 -10.88
N HIS L 59 9.41 10.06 -10.20
CA HIS L 59 10.11 10.28 -8.95
C HIS L 59 11.33 11.18 -9.11
N ALA L 60 11.83 11.35 -10.34
CA ALA L 60 12.95 12.22 -10.63
C ALA L 60 12.54 13.62 -11.04
N ILE L 61 11.26 13.89 -11.19
CA ILE L 61 10.77 15.18 -11.68
C ILE L 61 10.51 16.10 -10.50
N THR L 62 10.87 17.37 -10.63
CA THR L 62 10.42 18.39 -9.69
C THR L 62 9.16 19.09 -10.19
N THR L 63 9.22 19.66 -11.39
CA THR L 63 8.13 20.44 -11.95
C THR L 63 7.96 20.15 -13.42
N ILE L 64 6.73 20.35 -13.91
CA ILE L 64 6.42 20.34 -15.34
C ILE L 64 5.77 21.67 -15.67
N VAL L 65 6.34 22.37 -16.66
CA VAL L 65 5.88 23.69 -17.07
C VAL L 65 5.40 23.64 -18.52
N PRO L 66 4.12 23.81 -18.78
CA PRO L 66 3.62 23.79 -20.16
C PRO L 66 3.96 25.09 -20.88
N HIS L 67 4.23 24.97 -22.19
CA HIS L 67 4.57 26.14 -22.99
C HIS L 67 3.33 26.84 -23.54
N GLU L 68 2.15 26.23 -23.41
CA GLU L 68 0.88 26.87 -23.67
C GLU L 68 -0.01 26.66 -22.45
N ARG L 69 -0.91 27.60 -22.20
CA ARG L 69 -1.80 27.46 -21.06
C ARG L 69 -2.71 26.25 -21.26
N LEU L 70 -2.77 25.38 -20.25
CA LEU L 70 -3.63 24.21 -20.29
C LEU L 70 -5.00 24.58 -19.70
N GLU L 71 -6.05 24.43 -20.51
CA GLU L 71 -7.40 24.69 -20.03
C GLU L 71 -7.88 23.43 -19.33
N ILE L 72 -7.51 23.31 -18.06
CA ILE L 72 -7.82 22.15 -17.24
C ILE L 72 -9.19 22.26 -16.62
C1 MRD M . -18.80 -6.98 5.50
C2 MRD M . -19.56 -5.66 5.38
O2 MRD M . -19.05 -4.83 6.46
CM MRD M . -19.27 -4.99 4.04
C3 MRD M . -21.05 -5.91 5.55
C4 MRD M . -21.93 -4.68 5.75
O4 MRD M . -21.56 -3.97 6.91
C5 MRD M . -23.38 -5.10 5.89
C1 MRD N . -15.97 -22.91 14.53
C2 MRD N . -14.57 -22.55 15.01
O2 MRD N . -14.61 -21.21 15.55
CM MRD N . -14.11 -23.51 16.11
C3 MRD N . -13.61 -22.59 13.82
C4 MRD N . -12.17 -22.24 14.18
O4 MRD N . -12.09 -20.94 14.70
C5 MRD N . -11.25 -22.33 12.97
C1 MPD O . -23.42 -11.08 17.13
C2 MPD O . -23.08 -9.88 18.01
O2 MPD O . -23.16 -8.68 17.21
CM MPD O . -24.08 -9.78 19.16
C3 MPD O . -21.68 -10.01 18.62
C4 MPD O . -20.59 -9.60 17.64
O4 MPD O . -20.60 -8.21 17.44
C5 MPD O . -19.21 -10.00 18.17
C GAI P . 1.28 1.14 6.45
N1 GAI P . 2.69 1.27 6.15
N2 GAI P . 0.73 1.97 7.21
N3 GAI P . 0.51 0.06 5.88
C GAI Q . -22.85 -17.07 11.55
N1 GAI Q . -21.98 -18.00 12.26
N2 GAI Q . -23.45 -16.18 12.19
N3 GAI Q . -23.02 -17.19 10.12
C1 MRD R . -19.31 -7.42 -0.57
C2 MRD R . -19.77 -6.86 -1.90
O2 MRD R . -19.86 -5.43 -1.72
CM MRD R . -18.74 -7.15 -2.99
C3 MRD R . -21.13 -7.43 -2.28
C4 MRD R . -21.80 -6.81 -3.50
O4 MRD R . -22.02 -5.41 -3.31
C5 MRD R . -23.14 -7.47 -3.77
C1 MPD S . -30.47 -3.86 5.42
C2 MPD S . -30.42 -2.36 5.65
O2 MPD S . -29.98 -1.70 4.44
CM MPD S . -31.81 -1.87 6.00
C3 MPD S . -29.50 -1.99 6.82
C4 MPD S . -28.02 -1.93 6.49
O4 MPD S . -27.78 -0.97 5.49
C5 MPD S . -27.19 -1.54 7.71
C GAI T . -2.51 5.99 3.00
N1 GAI T . -1.16 5.65 2.56
N2 GAI T . -2.90 5.80 4.39
N3 GAI T . -3.34 6.44 2.18
C1 MRD U . -16.77 -11.82 -3.58
C2 MRD U . -16.35 -12.48 -4.89
O2 MRD U . -16.38 -11.46 -5.90
CM MRD U . -14.93 -13.03 -4.79
C3 MRD U . -17.35 -13.59 -5.26
C4 MRD U . -17.13 -14.22 -6.64
O4 MRD U . -17.26 -13.25 -7.66
C5 MRD U . -18.15 -15.32 -6.88
C1 MPD V . -28.96 -9.00 -7.89
C2 MPD V . -28.74 -7.86 -8.89
O2 MPD V . -27.58 -8.17 -9.70
CM MPD V . -29.95 -7.73 -9.80
C3 MPD V . -28.52 -6.54 -8.15
C4 MPD V . -27.06 -6.32 -7.75
O4 MPD V . -26.26 -6.19 -8.89
C5 MPD V . -26.91 -5.06 -6.91
C GAI W . -3.45 4.86 -4.14
N1 GAI W . -3.42 3.65 -3.32
N2 GAI W . -3.28 4.78 -5.38
N3 GAI W . -3.69 6.15 -3.52
C1 MRD X . -13.47 -15.82 -0.74
C2 MRD X . -12.49 -16.99 -0.67
O2 MRD X . -11.77 -17.00 -1.93
CM MRD X . -11.50 -16.74 0.47
C3 MRD X . -13.24 -18.30 -0.49
C4 MRD X . -12.38 -19.56 -0.67
O4 MRD X . -11.83 -19.64 -1.97
C5 MRD X . -13.18 -20.83 -0.43
C1 MPD Y . -20.98 -20.92 -10.31
C2 MPD Y . -20.04 -20.86 -11.50
O2 MPD Y . -18.70 -21.23 -11.05
CM MPD Y . -20.48 -21.87 -12.55
C3 MPD Y . -20.02 -19.47 -12.14
C4 MPD Y . -19.01 -18.52 -11.51
O4 MPD Y . -17.70 -18.99 -11.70
C5 MPD Y . -19.09 -17.14 -12.14
C1 MRD Z . -11.77 -14.63 7.59
C2 MRD Z . -12.12 -15.80 6.69
O2 MRD Z . -10.89 -16.45 6.28
CM MRD Z . -12.80 -15.32 5.41
C3 MRD Z . -12.99 -16.82 7.42
C4 MRD Z . -12.32 -17.48 8.63
O4 MRD Z . -11.22 -18.28 8.22
C5 MRD Z . -13.32 -18.36 9.37
C1 MPD AA . -14.35 -27.62 0.42
C2 MPD AA . -12.95 -28.23 0.38
O2 MPD AA . -12.20 -27.75 1.53
CM MPD AA . -13.05 -29.74 0.46
C3 MPD AA . -12.22 -27.85 -0.91
C4 MPD AA . -11.69 -26.43 -0.89
O4 MPD AA . -10.68 -26.30 0.08
C5 MPD AA . -11.10 -26.07 -2.25
C GAI BA . 3.70 -5.15 -3.80
N1 GAI BA . 4.51 -5.66 -3.00
N2 GAI BA . 2.53 -4.45 -3.31
N3 GAI BA . 3.94 -5.26 -5.24
C1 MRD CA . -15.43 -11.08 8.40
C2 MRD CA . -15.60 -10.24 9.66
O2 MRD CA . -14.42 -10.39 10.49
CM MRD CA . -15.76 -8.76 9.31
C3 MRD CA . -16.84 -10.74 10.42
C4 MRD CA . -17.07 -10.10 11.79
O4 MRD CA . -16.03 -10.39 12.69
C5 MRD CA . -18.38 -10.61 12.39
CL CL DA . -15.25 -28.14 10.57
C GAI EA . 4.41 -4.35 3.22
N1 GAI EA . 5.52 -5.02 2.57
N2 GAI EA . 3.19 -4.06 2.47
N3 GAI EA . 4.50 -4.02 4.42
C1 MRD FA . 11.55 1.50 -3.80
C2 MRD FA . 12.53 0.38 -3.52
O2 MRD FA . 13.34 0.25 -4.72
CM MRD FA . 13.45 0.72 -2.34
C3 MRD FA . 11.77 -0.93 -3.26
C4 MRD FA . 12.65 -2.17 -3.13
O4 MRD FA . 13.33 -2.47 -4.34
C5 MRD FA . 11.80 -3.38 -2.77
C1 MPD GA . 5.83 -5.59 -12.89
C2 MPD GA . 6.38 -5.60 -14.31
O2 MPD GA . 7.81 -5.85 -14.25
CM MPD GA . 5.75 -6.72 -15.12
C3 MPD GA . 6.14 -4.28 -15.01
C4 MPD GA . 6.89 -3.11 -14.38
O4 MPD GA . 8.27 -3.31 -14.44
C5 MPD GA . 6.57 -1.79 -15.07
CL CL HA . -0.62 -2.08 -15.79
C GAI IA . 0.21 -0.23 -7.46
N1 GAI IA . 0.61 -1.35 -7.83
N2 GAI IA . -1.03 0.30 -7.98
N3 GAI IA . 1.01 0.55 -6.52
C1 PEG JA . 19.03 13.03 -20.51
O1 PEG JA . 17.95 12.16 -20.69
C2 PEG JA . 18.91 13.75 -19.18
O2 PEG JA . 19.65 13.09 -18.20
C3 PEG JA . 18.90 12.69 -17.09
C4 PEG JA . 19.46 13.32 -15.82
O4 PEG JA . 20.03 12.36 -14.97
C1 MRD KA . 11.62 2.70 1.88
C2 MRD KA . 12.19 2.44 3.28
O2 MRD KA . 13.48 1.84 3.12
CM MRD KA . 12.34 3.76 4.03
C3 MRD KA . 11.25 1.48 4.02
C4 MRD KA . 11.75 1.06 5.42
O4 MRD KA . 12.90 0.27 5.32
C5 MRD KA . 10.67 0.23 6.12
C1 MPD LA . 11.10 -10.22 0.00
C2 MPD LA . 12.38 -10.83 -0.56
O2 MPD LA . 13.48 -10.45 0.31
CM MPD LA . 12.28 -12.35 -0.56
C3 MPD LA . 12.65 -10.36 -1.98
C4 MPD LA . 13.08 -8.90 -2.07
O4 MPD LA . 14.31 -8.73 -1.42
C5 MPD LA . 13.24 -8.44 -3.51
C1 MPD MA . 30.08 2.04 -13.92
C2 MPD MA . 30.22 1.52 -12.50
O2 MPD MA . 29.72 0.16 -12.43
CM MPD MA . 31.69 1.49 -12.11
C3 MPD MA . 29.46 2.41 -11.52
C4 MPD MA . 27.94 2.29 -11.66
O4 MPD MA . 27.52 0.97 -11.37
C5 MPD MA . 27.24 3.28 -10.73
CL CL NA . 7.78 -11.84 -6.90
C GAI OA . 32.55 5.89 -7.42
N1 GAI OA . 33.21 4.64 -7.77
N2 GAI OA . 33.13 6.74 -6.40
N3 GAI OA . 31.49 6.22 -8.00
C1 MRD PA . 8.75 7.23 3.97
C2 MRD PA . 8.37 8.20 5.09
O2 MRD PA . 9.45 8.16 6.07
CM MRD PA . 8.22 9.62 4.53
C3 MRD PA . 7.08 7.73 5.75
C4 MRD PA . 6.66 8.53 6.98
O4 MRD PA . 7.58 8.40 8.05
C5 MRD PA . 5.30 8.03 7.41
C1 MPD QA . 7.74 -2.83 12.29
C2 MPD QA . 9.04 -3.10 13.03
O2 MPD QA . 9.54 -1.85 13.56
CM MPD QA . 8.79 -4.07 14.19
C3 MPD QA . 10.12 -3.69 12.12
C4 MPD QA . 10.71 -2.67 11.15
O4 MPD QA . 11.33 -1.62 11.84
C5 MPD QA . 11.74 -3.30 10.23
CL CL RA . 8.70 -9.61 8.46
C1 MRD SA . 5.70 10.69 0.36
C2 MRD SA . 4.91 11.96 0.05
O2 MRD SA . 5.24 12.95 1.05
CM MRD SA . 5.27 12.52 -1.33
C3 MRD SA . 3.42 11.62 0.11
C4 MRD SA . 2.47 12.81 0.01
O4 MRD SA . 2.64 13.71 1.09
C5 MRD SA . 1.04 12.31 0.00
C1 MPD TA . -0.77 9.28 11.41
C2 MPD TA . -0.24 9.91 12.68
O2 MPD TA . 0.06 11.31 12.40
CM MPD TA . -1.28 9.86 13.80
C3 MPD TA . 1.03 9.22 13.17
C4 MPD TA . 2.21 9.44 12.24
O4 MPD TA . 2.40 10.82 12.01
C5 MPD TA . 3.51 8.90 12.82
CL CL UA . 1.25 2.42 15.08
C1 PEG VA . 21.72 16.04 8.65
O1 PEG VA . 20.78 16.57 7.75
C2 PEG VA . 21.03 15.73 9.98
O2 PEG VA . 21.96 15.51 11.00
C3 PEG VA . 22.27 16.64 11.74
C4 PEG VA . 22.41 16.23 13.20
O4 PEG VA . 21.24 15.57 13.61
C1 MRD WA . 5.67 9.52 -5.33
C2 MRD WA . 5.30 9.87 -6.76
O2 MRD WA . 5.16 11.31 -6.80
CM MRD WA . 6.40 9.45 -7.73
C3 MRD WA . 3.96 9.21 -7.11
C4 MRD WA . 3.39 9.61 -8.48
O4 MRD WA . 3.04 10.97 -8.53
C5 MRD WA . 2.14 8.79 -8.76
C1 MPD XA . -6.14 13.62 -1.56
C2 MPD XA . -6.27 15.07 -1.13
O2 MPD XA . -5.73 15.89 -2.19
CM MPD XA . -7.74 15.42 -0.94
C3 MPD XA . -5.52 15.34 0.18
C4 MPD XA . -4.00 15.31 0.03
O4 MPD XA . -3.59 16.18 -0.99
C5 MPD XA . -3.30 15.74 1.30
CL CL YA . -7.19 12.22 6.25
C1 PEG ZA . 14.81 23.73 2.01
O1 PEG ZA . 14.75 23.43 0.64
C2 PEG ZA . 14.61 25.22 2.21
O2 PEG ZA . 13.77 25.47 3.30
C3 PEG ZA . 13.82 26.82 3.70
C4 PEG ZA . 12.93 27.06 4.91
O4 PEG ZA . 11.59 26.78 4.60
C1 MRD AB . 8.58 4.99 -7.40
C2 MRD AB . 9.10 4.11 -8.54
O2 MRD AB . 9.19 4.96 -9.70
CM MRD AB . 10.50 3.60 -8.23
C3 MRD AB . 8.13 2.95 -8.82
C4 MRD AB . 8.49 2.12 -10.07
O4 MRD AB . 8.40 2.88 -11.24
C5 MRD AB . 7.54 0.94 -10.23
C1 MPD BB . -2.91 6.09 -13.55
C2 MPD BB . -2.96 7.25 -14.54
O2 MPD BB . -1.78 7.21 -15.37
CM MPD BB . -4.21 7.14 -15.42
C3 MPD BB . -3.00 8.59 -13.81
C4 MPD BB . -1.65 8.93 -13.18
O4 MPD BB . -0.66 9.07 -14.17
C5 MPD BB . -1.72 10.25 -12.43
CL CL CB . -8.13 9.96 -9.17
C1 PEG DB . 10.98 25.40 -12.80
O1 PEG DB . 9.68 25.11 -12.36
C2 PEG DB . 11.95 25.38 -11.63
O2 PEG DB . 12.07 24.07 -11.13
C3 PEG DB . 13.37 23.55 -11.23
C4 PEG DB . 13.61 22.55 -10.09
O4 PEG DB . 14.27 21.42 -10.59
#